data_1T9W
#
_entry.id   1T9W
#
_cell.length_a   144.508
_cell.length_b   144.508
_cell.length_c   519.360
_cell.angle_alpha   90.00
_cell.angle_beta   90.00
_cell.angle_gamma   120.00
#
_symmetry.space_group_name_H-M   'H 3 2'
#
loop_
_entity.id
_entity.type
_entity.pdbx_description
1 polymer 'Acriflavine resistance protein B'
2 non-polymer 6-[[(2-ETHOXY-1-NAPHTHALENYL)CARBONYL]AMINO]-3,3-DIMETHYL-7-OXO-4-THIA-1-AZABICYCLO[3.2.0]HEPTANE-2-CARBOXYLATE
#
_entity_poly.entity_id   1
_entity_poly.type   'polypeptide(L)'
_entity_poly.pdbx_seq_one_letter_code
;MPNFFIDRPIFAWVIAIIIMLAGGLAILKLPVAQYPTIAPPAVTISASYPGADAKTVQDTVTQVIEQNMNGIDNLMYMSS
NSDSTGTVQITLTFESGTDADIAQVQVQAKLQLAMPLLPQEVQQQGVSVEKSSSSFLMVVGVINTDGTMTQEDISDYVAA
NMKDAISRTSGVGDVQLFGSQYAMRIWMNPNELNKFQLTPVDVITAIKAQNAQVAAGQLGGTPPVKGQQLNASIIAQTRL
TSTEEFGKILLKVNQDGSRVLLRDVAKIELGGENYDIIAEFNGQPASGLGIKLATGANALDTAAAIRAELAKMEPFFPSG
LKIVYPYDTTPFVKISIHEVVKTLVEAIILVFLVMYLFLQNFRATLIPTIAVPVVLLGTFAVLAAFGFSINTLTMFGMVL
AIGLLVDDAIVVVENVERVMAEEGLPPKEATRKSMGQIQGALVGIAMVLSAVFVPMAFFGGSTGAIYRQFSITIVSAMAL
SVLVALILTPALCATMLKPIAKGDHGEGKKGFFGWFNRMFEKSTHHYTDSVGGILRSTGRYLVLYLIIVVGMAYLFVRLP
SSFLPDEDQGVFMTMVQLPAGATQERTQKVLNEVTHYYLTKEKNNVESVFAVNGFGFAGRGQNTGIAFVSLKDWADRPGE
ENKVEAITMRATRAFSQIKDAMVFAFNLPAIVELGTATGFDFELIDQAGLGHEKLTQARNQLLAEAAKHPDMLTSVRPNG
LEDTPQFKIDIDQEKAQALGVSINDINTTLGAAWGGSYVNDFIDRGRVKKVYVMSEAKYRMLPDDIGDWYVRAADGQMVP
FSAFSSSRWEYGSPRLERYNGLPSMEILGQAAPGKSTGEAMELMEQLASKLPTGVGYDWTGMSYQERLSGNQAPSLYAIS
LIVVFLCLAALYESWSIPFSVMLVVPLGVIGALLAATFRGLTNDVYFQVGLLTTIGLSAKNAILIVEFAKDLMDKEGKGL
IEATLDAVRMRLRPILMTSLAFILGVMPLVISTGAGSGAQNAVGTGVMGGMVTATVLAIFFVPVFFVVVRRRFSRKNEDI
EHSHTVDHH
;
_entity_poly.pdbx_strand_id   A
#
loop_
_chem_comp.id
_chem_comp.type
_chem_comp.name
_chem_comp.formula
NFN non-polymer 6-[[(2-ETHOXY-1-NAPHTHALENYL)CARBONYL]AMINO]-3,3-DIMETHYL-7-OXO-4-THIA-1-AZABICYCLO[3.2.0]HEPTANE-2-CARBOXYLATE 'C21 H21 N2 O5 S -1'
#
# COMPACT_ATOMS: atom_id res chain seq x y z
N ASP A 7 10.53 24.31 42.15
CA ASP A 7 9.08 24.15 42.46
C ASP A 7 8.83 22.88 43.28
N ARG A 8 7.58 22.66 43.67
CA ARG A 8 7.21 21.53 44.52
C ARG A 8 7.11 20.23 43.72
N PRO A 9 7.39 19.10 44.35
CA PRO A 9 7.34 17.80 43.66
C PRO A 9 5.93 17.23 43.48
N ILE A 10 5.30 16.75 44.55
CA ILE A 10 3.98 16.10 44.50
C ILE A 10 3.01 16.58 43.41
N PHE A 11 2.87 17.90 43.24
CA PHE A 11 1.92 18.46 42.26
C PHE A 11 2.34 18.13 40.83
N ALA A 12 3.62 18.37 40.52
CA ALA A 12 4.21 18.02 39.23
C ALA A 12 4.18 16.51 38.92
N TRP A 13 4.23 15.69 39.97
CA TRP A 13 4.27 14.23 39.80
C TRP A 13 2.90 13.64 39.51
N VAL A 14 1.84 14.34 39.89
CA VAL A 14 0.47 13.93 39.58
C VAL A 14 0.14 14.24 38.11
N ILE A 15 0.75 15.29 37.57
CA ILE A 15 0.65 15.61 36.15
C ILE A 15 1.32 14.52 35.30
N ALA A 16 2.43 13.99 35.79
CA ALA A 16 3.17 12.93 35.09
C ALA A 16 2.46 11.58 35.17
N ILE A 17 1.74 11.33 36.26
CA ILE A 17 1.05 10.06 36.47
C ILE A 17 -0.28 10.01 35.69
N ILE A 18 -0.81 11.17 35.30
CA ILE A 18 -1.93 11.23 34.36
C ILE A 18 -1.47 10.71 33.00
N ILE A 19 -0.26 11.08 32.62
CA ILE A 19 0.33 10.65 31.34
C ILE A 19 0.75 9.17 31.38
N MET A 20 0.97 8.63 32.58
CA MET A 20 1.26 7.21 32.75
C MET A 20 0.04 6.36 32.39
N LEU A 21 -1.14 6.86 32.77
CA LEU A 21 -2.41 6.20 32.43
C LEU A 21 -2.84 6.59 31.01
N ALA A 22 -3.42 7.78 30.85
CA ALA A 22 -3.85 8.32 29.55
C ALA A 22 -3.06 7.80 28.35
N GLY A 23 -1.73 7.87 28.46
CA GLY A 23 -0.84 7.45 27.39
C GLY A 23 -0.84 5.95 27.11
N GLY A 24 -0.60 5.16 28.16
CA GLY A 24 -0.65 3.71 28.06
C GLY A 24 -2.03 3.16 27.75
N LEU A 25 -3.07 3.92 28.11
CA LEU A 25 -4.46 3.56 27.84
C LEU A 25 -4.74 3.62 26.33
N ALA A 26 -4.09 4.58 25.66
CA ALA A 26 -4.21 4.72 24.21
C ALA A 26 -3.61 3.53 23.46
N ILE A 27 -2.55 2.93 24.04
CA ILE A 27 -1.93 1.74 23.45
C ILE A 27 -2.86 0.51 23.52
N LEU A 28 -3.71 0.47 24.56
CA LEU A 28 -4.72 -0.57 24.71
C LEU A 28 -6.07 -0.19 24.08
N LYS A 29 -6.14 0.98 23.45
CA LYS A 29 -7.39 1.51 22.90
C LYS A 29 -7.18 2.37 21.64
N LEU A 30 -6.25 1.95 20.78
CA LEU A 30 -6.07 2.58 19.46
C LEU A 30 -5.27 1.67 18.53
N PRO A 31 -5.55 1.70 17.23
CA PRO A 31 -5.02 0.71 16.28
C PRO A 31 -3.50 0.51 16.34
N VAL A 32 -3.07 -0.71 16.01
CA VAL A 32 -1.64 -1.06 16.02
C VAL A 32 -1.16 -1.37 14.60
N ALA A 33 -1.88 -0.82 13.61
CA ALA A 33 -1.72 -1.21 12.21
C ALA A 33 -0.44 -0.70 11.56
N GLN A 34 -0.24 -1.07 10.30
CA GLN A 34 0.92 -0.64 9.53
C GLN A 34 0.69 0.78 8.98
N TYR A 35 1.30 1.08 7.83
CA TYR A 35 1.08 2.35 7.12
C TYR A 35 -0.40 2.77 7.11
N PRO A 36 -0.66 4.05 7.32
CA PRO A 36 -2.05 4.55 7.35
C PRO A 36 -2.66 4.68 5.96
N THR A 37 -3.85 5.28 5.87
CA THR A 37 -4.50 5.52 4.58
C THR A 37 -3.82 6.72 3.89
N ILE A 38 -3.37 6.49 2.66
CA ILE A 38 -2.67 7.53 1.89
C ILE A 38 -3.19 7.64 0.46
N ALA A 39 -3.32 6.50 -0.23
CA ALA A 39 -3.84 6.46 -1.59
C ALA A 39 -5.25 7.04 -1.65
N PRO A 40 -5.55 7.85 -2.68
CA PRO A 40 -6.90 8.40 -2.84
C PRO A 40 -7.94 7.30 -3.02
N PRO A 41 -8.96 7.24 -2.15
CA PRO A 41 -9.92 6.13 -2.15
C PRO A 41 -10.72 6.05 -3.45
N ALA A 42 -10.76 4.87 -4.06
CA ALA A 42 -11.45 4.65 -5.32
C ALA A 42 -12.48 3.53 -5.22
N VAL A 43 -13.67 3.79 -5.74
CA VAL A 43 -14.74 2.79 -5.79
C VAL A 43 -14.60 2.03 -7.12
N THR A 44 -15.04 0.77 -7.14
CA THR A 44 -14.83 -0.09 -8.29
C THR A 44 -16.10 -0.85 -8.69
N ILE A 45 -16.65 -0.50 -9.85
CA ILE A 45 -17.80 -1.21 -10.42
C ILE A 45 -17.28 -2.49 -11.07
N SER A 46 -18.13 -3.51 -11.16
CA SER A 46 -17.72 -4.81 -11.72
C SER A 46 -18.90 -5.69 -12.11
N ALA A 47 -19.24 -5.69 -13.41
CA ALA A 47 -20.29 -6.55 -13.95
C ALA A 47 -19.66 -7.75 -14.66
N SER A 48 -20.50 -8.63 -15.20
CA SER A 48 -20.02 -9.82 -15.91
C SER A 48 -21.04 -10.36 -16.91
N TYR A 49 -20.64 -10.41 -18.18
CA TYR A 49 -21.44 -11.01 -19.25
C TYR A 49 -20.78 -12.34 -19.65
N PRO A 50 -21.31 -13.46 -19.16
CA PRO A 50 -20.68 -14.77 -19.41
C PRO A 50 -20.80 -15.24 -20.85
N GLY A 51 -19.67 -15.42 -21.53
CA GLY A 51 -19.65 -15.88 -22.91
C GLY A 51 -19.32 -14.79 -23.91
N ALA A 52 -19.68 -13.54 -23.59
CA ALA A 52 -19.45 -12.41 -24.48
C ALA A 52 -17.96 -12.12 -24.66
N ASP A 53 -17.60 -11.67 -25.86
CA ASP A 53 -16.21 -11.35 -26.20
C ASP A 53 -15.86 -9.92 -25.76
N ALA A 54 -14.70 -9.42 -26.18
CA ALA A 54 -14.17 -8.15 -25.69
C ALA A 54 -14.99 -6.93 -26.11
N LYS A 55 -15.27 -6.81 -27.40
CA LYS A 55 -16.01 -5.64 -27.92
C LYS A 55 -17.53 -5.77 -27.78
N THR A 56 -18.01 -6.95 -27.37
CA THR A 56 -19.42 -7.14 -27.04
C THR A 56 -19.73 -6.47 -25.71
N VAL A 57 -18.91 -6.75 -24.70
CA VAL A 57 -19.06 -6.15 -23.37
C VAL A 57 -18.59 -4.69 -23.32
N GLN A 58 -17.85 -4.26 -24.35
CA GLN A 58 -17.30 -2.91 -24.38
C GLN A 58 -18.37 -1.83 -24.61
N ASP A 59 -19.46 -2.18 -25.29
CA ASP A 59 -20.51 -1.20 -25.60
C ASP A 59 -21.93 -1.62 -25.22
N THR A 60 -22.08 -2.79 -24.59
CA THR A 60 -23.39 -3.23 -24.09
C THR A 60 -23.49 -3.08 -22.57
N VAL A 61 -22.37 -3.22 -21.86
CA VAL A 61 -22.30 -3.03 -20.41
C VAL A 61 -21.48 -1.80 -20.03
N THR A 62 -20.28 -1.69 -20.61
CA THR A 62 -19.30 -0.69 -20.21
C THR A 62 -19.73 0.73 -20.58
N GLN A 63 -19.96 0.96 -21.88
CA GLN A 63 -20.29 2.30 -22.37
C GLN A 63 -21.60 2.84 -21.80
N VAL A 64 -22.57 1.96 -21.56
CA VAL A 64 -23.87 2.36 -21.01
C VAL A 64 -23.70 2.98 -19.62
N ILE A 65 -22.84 2.39 -18.80
CA ILE A 65 -22.55 2.90 -17.46
C ILE A 65 -21.75 4.21 -17.50
N GLU A 66 -20.87 4.35 -18.50
CA GLU A 66 -19.96 5.50 -18.59
C GLU A 66 -20.67 6.82 -18.89
N GLN A 67 -21.75 6.77 -19.68
CA GLN A 67 -22.54 7.97 -19.98
C GLN A 67 -23.41 8.33 -18.78
N ASN A 68 -23.76 7.31 -17.99
CA ASN A 68 -24.58 7.48 -16.79
C ASN A 68 -23.76 7.54 -15.50
N MET A 69 -22.44 7.74 -15.62
CA MET A 69 -21.55 7.90 -14.47
C MET A 69 -21.24 9.38 -14.28
N ASN A 70 -22.30 10.17 -14.10
CA ASN A 70 -22.17 11.62 -13.91
C ASN A 70 -22.96 12.13 -12.71
N GLY A 71 -22.78 13.41 -12.39
CA GLY A 71 -23.44 14.02 -11.24
C GLY A 71 -22.91 13.50 -9.91
N ILE A 72 -21.60 13.25 -9.86
CA ILE A 72 -20.96 12.71 -8.67
C ILE A 72 -20.12 13.81 -8.01
N ASP A 73 -20.24 13.95 -6.69
CA ASP A 73 -19.43 14.91 -5.94
C ASP A 73 -18.01 14.38 -5.79
N ASN A 74 -17.02 15.22 -6.13
CA ASN A 74 -15.60 14.87 -6.12
C ASN A 74 -15.23 13.78 -7.14
N LEU A 75 -14.38 14.13 -8.09
CA LEU A 75 -13.89 13.16 -9.08
C LEU A 75 -12.68 13.69 -9.86
N MET A 76 -11.60 12.90 -9.86
CA MET A 76 -10.39 13.23 -10.61
C MET A 76 -10.48 12.63 -12.02
N TYR A 77 -10.71 11.33 -12.08
CA TYR A 77 -10.77 10.60 -13.35
C TYR A 77 -11.55 9.28 -13.26
N MET A 78 -11.70 8.62 -14.40
CA MET A 78 -12.36 7.32 -14.49
C MET A 78 -11.66 6.45 -15.53
N SER A 79 -11.20 5.26 -15.12
CA SER A 79 -10.59 4.30 -16.03
C SER A 79 -11.56 3.14 -16.29
N SER A 80 -11.17 2.20 -17.13
CA SER A 80 -12.01 1.05 -17.47
C SER A 80 -11.26 -0.10 -18.13
N ASN A 81 -11.82 -1.30 -18.02
CA ASN A 81 -11.31 -2.49 -18.69
C ASN A 81 -12.46 -3.35 -19.23
N SER A 82 -12.20 -4.10 -20.29
CA SER A 82 -13.19 -5.03 -20.86
C SER A 82 -12.48 -6.22 -21.51
N ASP A 83 -12.60 -7.39 -20.89
CA ASP A 83 -11.87 -8.58 -21.31
C ASP A 83 -12.68 -9.44 -22.27
N SER A 84 -12.00 -10.36 -22.95
CA SER A 84 -12.64 -11.31 -23.85
C SER A 84 -13.32 -12.46 -23.09
N THR A 85 -12.97 -12.60 -21.81
CA THR A 85 -13.59 -13.61 -20.94
C THR A 85 -15.00 -13.20 -20.51
N GLY A 86 -15.33 -11.93 -20.68
CA GLY A 86 -16.65 -11.41 -20.35
C GLY A 86 -16.68 -10.83 -18.94
N THR A 87 -15.82 -9.84 -18.69
CA THR A 87 -15.72 -9.23 -17.38
C THR A 87 -15.25 -7.76 -17.48
N VAL A 88 -16.11 -6.85 -17.04
CA VAL A 88 -15.83 -5.41 -17.09
C VAL A 88 -15.56 -4.89 -15.67
N GLN A 89 -14.68 -3.89 -15.57
CA GLN A 89 -14.31 -3.31 -14.28
C GLN A 89 -13.87 -1.84 -14.40
N ILE A 90 -14.73 -0.94 -13.94
CA ILE A 90 -14.44 0.50 -13.93
C ILE A 90 -13.85 0.89 -12.56
N THR A 91 -13.04 1.95 -12.54
CA THR A 91 -12.46 2.47 -11.30
C THR A 91 -12.59 3.99 -11.23
N LEU A 92 -13.65 4.46 -10.58
CA LEU A 92 -13.86 5.89 -10.36
C LEU A 92 -13.02 6.36 -9.18
N THR A 93 -11.85 6.93 -9.47
CA THR A 93 -10.98 7.46 -8.42
C THR A 93 -11.47 8.85 -8.00
N PHE A 94 -11.46 9.09 -6.69
CA PHE A 94 -11.88 10.36 -6.11
C PHE A 94 -10.66 11.15 -5.67
N GLU A 95 -10.87 12.33 -5.07
CA GLU A 95 -9.78 13.09 -4.47
C GLU A 95 -9.19 12.30 -3.31
N SER A 96 -8.08 12.79 -2.76
CA SER A 96 -7.46 12.15 -1.59
C SER A 96 -8.49 11.99 -0.48
N GLY A 97 -8.38 10.89 0.27
CA GLY A 97 -9.28 10.54 1.36
C GLY A 97 -10.70 11.08 1.37
N THR A 98 -11.37 11.07 0.21
CA THR A 98 -12.78 11.43 0.14
C THR A 98 -13.55 10.28 0.78
N ASP A 99 -14.38 10.60 1.78
CA ASP A 99 -15.12 9.58 2.52
C ASP A 99 -15.58 8.46 1.58
N ALA A 100 -15.04 7.26 1.79
CA ALA A 100 -15.35 6.11 0.95
C ALA A 100 -16.77 5.57 1.20
N ASP A 101 -17.39 5.99 2.30
CA ASP A 101 -18.75 5.60 2.64
C ASP A 101 -19.77 6.28 1.71
N ILE A 102 -19.73 7.61 1.68
CA ILE A 102 -20.66 8.39 0.84
C ILE A 102 -20.28 8.33 -0.65
N ALA A 103 -19.00 8.19 -0.94
CA ALA A 103 -18.51 8.11 -2.31
C ALA A 103 -18.96 6.82 -3.01
N GLN A 104 -19.09 5.76 -2.22
CA GLN A 104 -19.57 4.46 -2.73
C GLN A 104 -21.05 4.52 -3.11
N VAL A 105 -21.83 5.29 -2.34
CA VAL A 105 -23.28 5.39 -2.55
C VAL A 105 -23.61 6.15 -3.85
N GLN A 106 -22.91 7.25 -4.10
CA GLN A 106 -23.16 8.08 -5.28
C GLN A 106 -22.87 7.32 -6.59
N VAL A 107 -21.84 6.47 -6.56
CA VAL A 107 -21.46 5.68 -7.73
C VAL A 107 -22.50 4.57 -8.02
N GLN A 108 -23.05 3.97 -6.96
CA GLN A 108 -24.06 2.92 -7.11
C GLN A 108 -25.49 3.46 -7.06
N ALA A 109 -25.65 4.78 -7.03
CA ALA A 109 -26.95 5.43 -7.14
C ALA A 109 -26.99 6.22 -8.45
N LYS A 110 -26.60 5.52 -9.51
CA LYS A 110 -26.37 6.10 -10.84
C LYS A 110 -26.20 4.94 -11.84
N LEU A 111 -25.44 3.93 -11.41
CA LEU A 111 -25.43 2.61 -12.04
C LEU A 111 -26.86 2.04 -12.09
N GLN A 112 -27.64 2.29 -11.03
CA GLN A 112 -29.02 1.83 -10.93
C GLN A 112 -29.92 2.35 -12.06
N LEU A 113 -29.67 3.58 -12.51
CA LEU A 113 -30.47 4.20 -13.57
C LEU A 113 -30.15 3.60 -14.94
N ALA A 114 -28.89 3.15 -15.11
CA ALA A 114 -28.44 2.55 -16.36
C ALA A 114 -28.61 1.02 -16.41
N MET A 115 -29.10 0.43 -15.32
CA MET A 115 -29.27 -1.03 -15.23
C MET A 115 -30.34 -1.60 -16.18
N PRO A 116 -31.47 -0.91 -16.35
CA PRO A 116 -32.51 -1.37 -17.28
C PRO A 116 -32.10 -1.43 -18.76
N LEU A 117 -31.06 -0.71 -19.17
CA LEU A 117 -30.62 -0.69 -20.58
C LEU A 117 -29.42 -1.62 -20.82
N LEU A 118 -29.25 -2.62 -19.95
CA LEU A 118 -28.21 -3.62 -20.10
C LEU A 118 -28.85 -4.95 -20.54
N PRO A 119 -28.04 -5.89 -21.04
CA PRO A 119 -28.54 -7.24 -21.32
C PRO A 119 -29.17 -7.92 -20.10
N GLN A 120 -30.18 -8.75 -20.32
CA GLN A 120 -30.83 -9.49 -19.23
C GLN A 120 -29.91 -10.55 -18.61
N GLU A 121 -28.89 -10.96 -19.36
CA GLU A 121 -27.88 -11.88 -18.84
C GLU A 121 -27.00 -11.23 -17.77
N VAL A 122 -26.65 -9.96 -17.98
CA VAL A 122 -25.78 -9.23 -17.06
C VAL A 122 -26.50 -8.80 -15.78
N GLN A 123 -27.82 -8.58 -15.87
CA GLN A 123 -28.62 -8.17 -14.71
C GLN A 123 -28.64 -9.25 -13.64
N GLN A 124 -28.96 -10.48 -14.06
CA GLN A 124 -28.98 -11.63 -13.15
C GLN A 124 -27.60 -12.04 -12.66
N GLN A 125 -26.55 -11.66 -13.40
CA GLN A 125 -25.17 -11.91 -12.98
C GLN A 125 -24.73 -10.93 -11.90
N GLY A 126 -23.55 -11.15 -11.34
CA GLY A 126 -23.05 -10.36 -10.22
C GLY A 126 -22.59 -8.97 -10.60
N VAL A 127 -23.43 -7.97 -10.28
CA VAL A 127 -23.05 -6.57 -10.39
C VAL A 127 -22.71 -6.08 -8.98
N SER A 128 -21.52 -5.47 -8.83
CA SER A 128 -21.00 -5.14 -7.50
C SER A 128 -20.23 -3.82 -7.48
N VAL A 129 -20.48 -3.02 -6.45
CA VAL A 129 -19.77 -1.76 -6.23
C VAL A 129 -19.10 -1.83 -4.86
N GLU A 130 -17.81 -2.15 -4.86
CA GLU A 130 -17.05 -2.42 -3.64
C GLU A 130 -15.82 -1.50 -3.51
N LYS A 131 -15.41 -1.25 -2.26
CA LYS A 131 -14.22 -0.45 -1.99
C LYS A 131 -12.96 -1.28 -2.27
N SER A 132 -12.00 -0.69 -2.98
CA SER A 132 -10.83 -1.41 -3.48
C SER A 132 -9.51 -0.90 -2.92
N SER A 133 -8.54 -1.82 -2.83
CA SER A 133 -7.19 -1.50 -2.39
C SER A 133 -6.20 -2.46 -3.06
N SER A 134 -5.96 -2.25 -4.36
CA SER A 134 -5.17 -3.14 -5.20
C SER A 134 -3.98 -3.81 -4.49
N SER A 135 -4.26 -4.94 -3.86
CA SER A 135 -3.29 -5.72 -3.06
C SER A 135 -4.01 -6.55 -2.00
N PHE A 136 -3.54 -7.77 -1.78
CA PHE A 136 -4.09 -8.64 -0.74
C PHE A 136 -3.29 -8.48 0.56
N LEU A 137 -3.79 -9.09 1.63
CA LEU A 137 -3.11 -9.10 2.93
C LEU A 137 -3.12 -10.51 3.52
N MET A 138 -4.30 -10.99 3.89
CA MET A 138 -4.48 -12.37 4.35
C MET A 138 -4.97 -13.21 3.17
N VAL A 139 -4.24 -14.28 2.86
CA VAL A 139 -4.62 -15.21 1.79
C VAL A 139 -4.61 -16.62 2.35
N VAL A 140 -5.73 -17.03 2.93
CA VAL A 140 -5.83 -18.30 3.65
C VAL A 140 -6.01 -19.47 2.68
N GLY A 141 -4.97 -20.28 2.53
CA GLY A 141 -5.05 -21.49 1.72
C GLY A 141 -5.84 -22.58 2.43
N VAL A 142 -6.36 -23.52 1.65
CA VAL A 142 -7.15 -24.65 2.18
C VAL A 142 -6.84 -25.92 1.40
N ILE A 143 -6.33 -26.94 2.10
CA ILE A 143 -5.92 -28.20 1.47
C ILE A 143 -6.53 -29.41 2.18
N ASN A 144 -6.23 -30.60 1.67
CA ASN A 144 -6.61 -31.86 2.30
C ASN A 144 -5.41 -32.81 2.44
N THR A 145 -5.39 -33.57 3.53
CA THR A 145 -4.29 -34.49 3.82
C THR A 145 -4.76 -35.95 3.92
N ASP A 146 -5.72 -36.21 4.79
CA ASP A 146 -6.17 -37.58 5.06
C ASP A 146 -7.21 -38.07 4.04
N GLY A 147 -8.48 -37.66 4.22
CA GLY A 147 -9.55 -38.06 3.32
C GLY A 147 -9.54 -37.21 2.06
N THR A 148 -8.75 -37.63 1.08
CA THR A 148 -8.42 -36.79 -0.07
C THR A 148 -9.61 -36.43 -0.95
N MET A 149 -9.70 -35.15 -1.31
CA MET A 149 -10.67 -34.67 -2.31
C MET A 149 -9.96 -33.77 -3.33
N THR A 150 -10.70 -33.36 -4.36
CA THR A 150 -10.10 -32.70 -5.53
C THR A 150 -9.90 -31.19 -5.31
N GLN A 151 -9.44 -30.50 -6.35
CA GLN A 151 -9.36 -29.04 -6.37
C GLN A 151 -10.65 -28.48 -6.97
N GLU A 152 -11.75 -28.74 -6.27
CA GLU A 152 -13.10 -28.42 -6.73
C GLU A 152 -14.09 -28.73 -5.62
N ASP A 153 -13.92 -29.89 -4.98
CA ASP A 153 -14.62 -30.23 -3.74
C ASP A 153 -14.21 -29.29 -2.61
N ILE A 154 -12.93 -28.92 -2.58
CA ILE A 154 -12.40 -28.00 -1.56
C ILE A 154 -12.89 -26.57 -1.82
N SER A 155 -12.97 -26.19 -3.10
CA SER A 155 -13.38 -24.84 -3.48
C SER A 155 -14.86 -24.56 -3.24
N ASP A 156 -15.66 -25.62 -3.23
CA ASP A 156 -17.10 -25.50 -2.95
C ASP A 156 -17.33 -25.30 -1.45
N TYR A 157 -16.60 -26.06 -0.64
CA TYR A 157 -16.73 -25.98 0.82
C TYR A 157 -16.26 -24.63 1.37
N VAL A 158 -15.28 -24.02 0.69
CA VAL A 158 -14.79 -22.69 1.06
C VAL A 158 -15.84 -21.62 0.75
N ALA A 159 -16.53 -21.78 -0.37
CA ALA A 159 -17.55 -20.83 -0.82
C ALA A 159 -18.94 -21.08 -0.22
N ALA A 160 -19.09 -22.17 0.53
CA ALA A 160 -20.38 -22.55 1.10
C ALA A 160 -20.30 -22.74 2.61
N ASN A 161 -19.48 -21.92 3.27
CA ASN A 161 -19.26 -22.01 4.71
C ASN A 161 -18.47 -20.83 5.27
N MET A 162 -17.32 -20.54 4.67
CA MET A 162 -16.38 -19.55 5.20
C MET A 162 -16.20 -18.30 4.34
N LYS A 163 -16.80 -18.27 3.15
CA LYS A 163 -16.65 -17.13 2.24
C LYS A 163 -17.65 -16.02 2.57
N ASP A 164 -18.90 -16.42 2.82
CA ASP A 164 -19.95 -15.44 3.18
C ASP A 164 -19.70 -14.79 4.54
N ALA A 165 -19.07 -15.54 5.44
CA ALA A 165 -18.74 -15.03 6.77
C ALA A 165 -17.55 -14.07 6.76
N ILE A 166 -16.58 -14.32 5.89
CA ILE A 166 -15.35 -13.54 5.83
C ILE A 166 -15.57 -12.16 5.21
N SER A 167 -16.30 -12.11 4.10
CA SER A 167 -16.57 -10.86 3.40
C SER A 167 -17.45 -9.89 4.21
N ARG A 168 -18.27 -10.44 5.09
CA ARG A 168 -19.18 -9.66 5.92
C ARG A 168 -18.49 -9.12 7.18
N THR A 169 -17.49 -9.84 7.69
CA THR A 169 -16.84 -9.50 8.96
C THR A 169 -15.89 -8.32 8.84
N SER A 170 -15.78 -7.56 9.92
CA SER A 170 -14.83 -6.44 10.07
C SER A 170 -14.51 -5.67 8.78
N GLY A 171 -15.55 -5.32 8.04
CA GLY A 171 -15.43 -4.49 6.85
C GLY A 171 -14.38 -4.92 5.84
N VAL A 172 -14.67 -6.00 5.11
CA VAL A 172 -13.82 -6.45 4.00
C VAL A 172 -14.30 -5.77 2.72
N GLY A 173 -13.35 -5.35 1.89
CA GLY A 173 -13.66 -4.68 0.63
C GLY A 173 -14.31 -5.63 -0.36
N ASP A 174 -13.54 -6.58 -0.88
CA ASP A 174 -14.06 -7.60 -1.78
C ASP A 174 -13.23 -8.88 -1.74
N VAL A 175 -13.92 -10.02 -1.65
CA VAL A 175 -13.27 -11.33 -1.55
C VAL A 175 -13.20 -11.99 -2.92
N GLN A 176 -12.04 -12.57 -3.23
CA GLN A 176 -11.82 -13.30 -4.48
C GLN A 176 -11.68 -14.79 -4.18
N LEU A 177 -12.66 -15.57 -4.62
CA LEU A 177 -12.65 -17.02 -4.42
C LEU A 177 -11.68 -17.65 -5.42
N PHE A 178 -10.69 -18.38 -4.91
CA PHE A 178 -9.71 -19.07 -5.76
C PHE A 178 -10.21 -20.47 -6.11
N GLY A 179 -11.19 -20.51 -7.01
CA GLY A 179 -11.84 -21.73 -7.43
C GLY A 179 -13.25 -21.42 -7.91
N SER A 180 -14.23 -22.20 -7.43
CA SER A 180 -15.63 -21.90 -7.70
C SER A 180 -16.59 -22.66 -6.77
N GLN A 181 -17.71 -22.02 -6.45
CA GLN A 181 -18.79 -22.65 -5.71
C GLN A 181 -19.48 -23.70 -6.59
N TYR A 182 -20.01 -24.75 -5.99
CA TYR A 182 -20.65 -25.82 -6.76
C TYR A 182 -21.92 -25.34 -7.46
N ALA A 183 -22.33 -26.10 -8.46
CA ALA A 183 -23.46 -25.75 -9.32
C ALA A 183 -23.86 -26.95 -10.18
N MET A 184 -25.16 -27.13 -10.37
CA MET A 184 -25.68 -28.24 -11.16
C MET A 184 -25.25 -28.09 -12.61
N ARG A 185 -24.13 -28.73 -12.94
CA ARG A 185 -23.49 -28.56 -14.25
C ARG A 185 -23.98 -29.60 -15.24
N ILE A 186 -24.32 -29.15 -16.44
CA ILE A 186 -24.85 -30.00 -17.50
C ILE A 186 -23.97 -29.85 -18.75
N TRP A 187 -23.78 -30.97 -19.46
CA TRP A 187 -22.91 -31.01 -20.63
C TRP A 187 -23.68 -31.61 -21.82
N MET A 188 -24.41 -30.75 -22.52
CA MET A 188 -25.25 -31.18 -23.64
C MET A 188 -24.44 -31.77 -24.80
N ASN A 189 -24.73 -33.04 -25.11
CA ASN A 189 -24.14 -33.71 -26.27
C ASN A 189 -24.95 -33.34 -27.52
N PRO A 190 -24.28 -32.81 -28.55
CA PRO A 190 -24.98 -32.37 -29.77
C PRO A 190 -25.47 -33.52 -30.65
N ASN A 191 -24.76 -34.66 -30.62
CA ASN A 191 -25.16 -35.84 -31.39
C ASN A 191 -26.43 -36.48 -30.84
N GLU A 192 -26.54 -36.52 -29.52
CA GLU A 192 -27.72 -37.11 -28.85
C GLU A 192 -28.96 -36.22 -28.97
N LEU A 193 -28.76 -34.92 -29.15
CA LEU A 193 -29.86 -33.99 -29.36
C LEU A 193 -30.52 -34.24 -30.72
N ASN A 194 -29.70 -34.41 -31.75
CA ASN A 194 -30.15 -34.70 -33.10
C ASN A 194 -30.84 -36.07 -33.22
N LYS A 195 -30.52 -36.99 -32.32
CA LYS A 195 -31.13 -38.31 -32.31
C LYS A 195 -32.63 -38.25 -32.00
N PHE A 196 -33.01 -37.41 -31.04
CA PHE A 196 -34.41 -37.24 -30.64
C PHE A 196 -35.02 -35.93 -31.15
N GLN A 197 -34.31 -35.23 -32.04
CA GLN A 197 -34.75 -33.95 -32.61
C GLN A 197 -35.02 -32.89 -31.53
N LEU A 198 -33.94 -32.25 -31.08
CA LEU A 198 -34.01 -31.26 -30.00
C LEU A 198 -32.91 -30.21 -30.10
N THR A 199 -33.06 -29.13 -29.33
CA THR A 199 -32.09 -28.04 -29.28
C THR A 199 -31.77 -27.65 -27.84
N PRO A 200 -30.72 -26.84 -27.64
CA PRO A 200 -30.44 -26.23 -26.32
C PRO A 200 -31.56 -25.33 -25.79
N VAL A 201 -32.43 -24.83 -26.66
CA VAL A 201 -33.58 -24.01 -26.25
C VAL A 201 -34.61 -24.85 -25.51
N ASP A 202 -34.80 -26.09 -25.98
CA ASP A 202 -35.75 -27.02 -25.34
C ASP A 202 -35.24 -27.58 -24.02
N VAL A 203 -33.91 -27.61 -23.85
CA VAL A 203 -33.31 -28.05 -22.59
C VAL A 203 -33.47 -26.98 -21.52
N ILE A 204 -33.29 -25.72 -21.90
CA ILE A 204 -33.42 -24.59 -20.99
C ILE A 204 -34.87 -24.40 -20.52
N THR A 205 -35.81 -24.77 -21.39
CA THR A 205 -37.25 -24.67 -21.07
C THR A 205 -37.65 -25.73 -20.05
N ALA A 206 -37.02 -26.90 -20.13
CA ALA A 206 -37.33 -28.01 -19.22
C ALA A 206 -36.85 -27.75 -17.78
N ILE A 207 -35.80 -26.95 -17.63
CA ILE A 207 -35.27 -26.59 -16.31
C ILE A 207 -36.01 -25.37 -15.75
N LYS A 208 -36.56 -24.53 -16.62
CA LYS A 208 -37.36 -23.38 -16.21
C LYS A 208 -38.85 -23.76 -16.25
N ALA A 209 -39.19 -24.82 -15.52
CA ALA A 209 -40.54 -25.37 -15.50
C ALA A 209 -40.66 -26.42 -14.39
N GLN A 210 -39.81 -27.44 -14.46
CA GLN A 210 -39.76 -28.51 -13.46
C GLN A 210 -38.89 -28.10 -12.27
N ASN A 211 -37.73 -27.51 -12.56
CA ASN A 211 -36.86 -26.94 -11.52
C ASN A 211 -37.29 -25.50 -11.22
N ALA A 212 -38.36 -25.36 -10.44
CA ALA A 212 -38.93 -24.05 -10.12
C ALA A 212 -39.92 -24.13 -8.96
N GLN A 213 -39.77 -23.22 -7.99
CA GLN A 213 -40.67 -23.15 -6.84
C GLN A 213 -41.86 -22.24 -7.17
N VAL A 214 -43.07 -22.74 -6.92
CA VAL A 214 -44.31 -22.01 -7.17
C VAL A 214 -44.96 -21.61 -5.85
N ALA A 215 -45.53 -20.40 -5.81
CA ALA A 215 -46.16 -19.88 -4.60
C ALA A 215 -47.66 -20.19 -4.60
N ALA A 216 -48.01 -21.36 -4.09
CA ALA A 216 -49.42 -21.75 -3.93
C ALA A 216 -50.04 -21.02 -2.74
N GLY A 217 -51.37 -21.02 -2.67
CA GLY A 217 -52.10 -20.33 -1.63
C GLY A 217 -52.09 -21.07 -0.30
N GLN A 218 -53.26 -21.23 0.30
CA GLN A 218 -53.39 -21.90 1.59
C GLN A 218 -54.85 -22.27 1.91
N LEU A 219 -55.05 -23.46 2.45
CA LEU A 219 -56.38 -23.91 2.91
C LEU A 219 -56.85 -23.01 4.04
N GLY A 220 -58.08 -22.50 3.92
CA GLY A 220 -58.56 -21.48 4.84
C GLY A 220 -57.79 -20.19 4.63
N GLY A 221 -58.13 -19.48 3.55
CA GLY A 221 -57.35 -18.34 3.10
C GLY A 221 -57.44 -17.10 3.98
N THR A 222 -56.94 -15.99 3.44
CA THR A 222 -56.87 -14.72 4.18
C THR A 222 -58.26 -14.18 4.55
N PRO A 223 -59.20 -14.17 3.60
CA PRO A 223 -60.61 -13.97 3.92
C PRO A 223 -61.39 -15.30 3.87
N PRO A 224 -61.48 -16.01 5.00
CA PRO A 224 -62.17 -17.30 5.04
C PRO A 224 -63.69 -17.16 5.28
N VAL A 225 -64.37 -18.28 5.41
CA VAL A 225 -65.78 -18.30 5.80
C VAL A 225 -65.84 -18.48 7.31
N LYS A 226 -66.82 -17.83 7.95
CA LYS A 226 -66.91 -17.83 9.41
C LYS A 226 -67.24 -19.22 9.94
N GLY A 227 -66.28 -19.83 10.64
CA GLY A 227 -66.45 -21.15 11.22
C GLY A 227 -65.46 -22.21 10.76
N GLN A 228 -64.42 -21.80 10.03
CA GLN A 228 -63.38 -22.73 9.60
C GLN A 228 -62.48 -23.11 10.77
N GLN A 229 -62.12 -24.38 10.86
CA GLN A 229 -61.34 -24.90 11.99
C GLN A 229 -59.85 -24.93 11.71
N LEU A 230 -59.46 -25.38 10.52
CA LEU A 230 -58.04 -25.57 10.17
C LEU A 230 -57.51 -24.44 9.29
N ASN A 231 -56.18 -24.34 9.23
CA ASN A 231 -55.50 -23.36 8.39
C ASN A 231 -54.03 -23.75 8.18
N ALA A 232 -53.72 -24.29 7.01
CA ALA A 232 -52.37 -24.73 6.66
C ALA A 232 -51.92 -24.19 5.30
N SER A 233 -50.61 -24.21 5.06
CA SER A 233 -50.03 -23.70 3.82
C SER A 233 -49.86 -24.82 2.78
N ILE A 234 -50.26 -24.55 1.55
CA ILE A 234 -50.15 -25.52 0.45
C ILE A 234 -48.74 -25.48 -0.16
N ILE A 235 -48.18 -26.67 -0.38
CA ILE A 235 -46.90 -26.81 -1.08
C ILE A 235 -47.17 -27.40 -2.47
N ALA A 236 -46.46 -26.89 -3.48
CA ALA A 236 -46.62 -27.35 -4.85
C ALA A 236 -45.30 -27.89 -5.41
N GLN A 237 -44.68 -27.18 -6.34
CA GLN A 237 -43.42 -27.62 -6.94
C GLN A 237 -42.23 -27.25 -6.05
N THR A 238 -41.29 -28.18 -5.92
CA THR A 238 -40.08 -27.96 -5.12
C THR A 238 -38.85 -28.00 -6.03
N ARG A 239 -37.88 -27.13 -5.72
CA ARG A 239 -36.62 -27.09 -6.47
C ARG A 239 -35.85 -28.40 -6.27
N LEU A 240 -35.31 -28.94 -7.35
CA LEU A 240 -34.60 -30.22 -7.31
C LEU A 240 -33.34 -30.12 -6.47
N THR A 241 -32.95 -31.25 -5.87
CA THR A 241 -31.87 -31.29 -4.89
C THR A 241 -30.59 -31.91 -5.44
N SER A 242 -30.67 -33.18 -5.84
CA SER A 242 -29.49 -33.97 -6.20
C SER A 242 -29.29 -34.09 -7.71
N THR A 243 -28.16 -34.69 -8.09
CA THR A 243 -27.82 -34.93 -9.50
C THR A 243 -28.75 -35.96 -10.16
N GLU A 244 -29.30 -36.87 -9.36
CA GLU A 244 -30.21 -37.91 -9.86
C GLU A 244 -31.52 -37.32 -10.36
N GLU A 245 -32.04 -36.33 -9.63
CA GLU A 245 -33.35 -35.73 -9.95
C GLU A 245 -33.30 -34.87 -11.22
N PHE A 246 -32.14 -34.27 -11.50
CA PHE A 246 -31.95 -33.51 -12.73
C PHE A 246 -31.87 -34.42 -13.96
N GLY A 247 -31.40 -35.65 -13.76
CA GLY A 247 -31.35 -36.64 -14.81
C GLY A 247 -32.70 -37.19 -15.24
N LYS A 248 -33.71 -37.04 -14.38
CA LYS A 248 -35.07 -37.52 -14.68
C LYS A 248 -36.02 -36.40 -15.09
N ILE A 249 -35.49 -35.33 -15.69
CA ILE A 249 -36.31 -34.24 -16.22
C ILE A 249 -36.78 -34.64 -17.62
N LEU A 250 -38.09 -34.64 -17.82
CA LEU A 250 -38.69 -35.11 -19.07
C LEU A 250 -38.64 -34.04 -20.17
N LEU A 251 -37.84 -34.30 -21.20
CA LEU A 251 -37.75 -33.43 -22.37
C LEU A 251 -38.82 -33.78 -23.39
N LYS A 252 -38.80 -35.04 -23.84
CA LYS A 252 -39.67 -35.50 -24.93
C LYS A 252 -40.37 -36.82 -24.60
N VAL A 253 -41.37 -37.16 -25.40
CA VAL A 253 -42.01 -38.47 -25.36
C VAL A 253 -42.27 -38.93 -26.80
N ASN A 254 -41.30 -39.65 -27.37
CA ASN A 254 -41.34 -40.07 -28.77
C ASN A 254 -42.41 -41.13 -29.04
N GLN A 255 -43.28 -40.84 -30.02
CA GLN A 255 -44.30 -41.75 -30.55
C GLN A 255 -44.61 -43.04 -29.76
N ASP A 256 -43.66 -43.98 -29.74
CA ASP A 256 -43.89 -45.32 -29.20
C ASP A 256 -43.89 -45.45 -27.66
N GLY A 257 -43.99 -44.34 -26.95
CA GLY A 257 -44.02 -44.35 -25.50
C GLY A 257 -42.64 -44.31 -24.83
N SER A 258 -41.60 -44.14 -25.64
CA SER A 258 -40.23 -44.04 -25.12
C SER A 258 -40.01 -42.65 -24.53
N ARG A 259 -39.25 -42.58 -23.43
CA ARG A 259 -38.99 -41.33 -22.74
C ARG A 259 -37.55 -40.86 -22.95
N VAL A 260 -37.40 -39.66 -23.49
CA VAL A 260 -36.09 -39.01 -23.63
C VAL A 260 -35.86 -38.15 -22.40
N LEU A 261 -34.96 -38.60 -21.52
CA LEU A 261 -34.62 -37.86 -20.30
C LEU A 261 -33.41 -36.95 -20.52
N LEU A 262 -33.16 -36.07 -19.55
CA LEU A 262 -32.06 -35.10 -19.65
C LEU A 262 -30.69 -35.76 -19.49
N ARG A 263 -30.65 -36.87 -18.76
CA ARG A 263 -29.41 -37.63 -18.57
C ARG A 263 -29.08 -38.45 -19.82
N ASP A 264 -30.11 -38.88 -20.55
CA ASP A 264 -29.93 -39.65 -21.78
C ASP A 264 -29.29 -38.83 -22.90
N VAL A 265 -29.54 -37.52 -22.92
CA VAL A 265 -28.97 -36.64 -23.94
C VAL A 265 -27.71 -35.90 -23.49
N ALA A 266 -27.46 -35.87 -22.18
CA ALA A 266 -26.37 -35.06 -21.62
C ALA A 266 -25.81 -35.63 -20.30
N LYS A 267 -24.51 -35.44 -20.12
CA LYS A 267 -23.83 -35.84 -18.87
C LYS A 267 -24.20 -34.85 -17.76
N ILE A 268 -24.41 -35.37 -16.55
CA ILE A 268 -24.79 -34.54 -15.41
C ILE A 268 -23.88 -34.81 -14.20
N GLU A 269 -22.96 -33.88 -13.95
CA GLU A 269 -22.09 -33.94 -12.78
C GLU A 269 -22.15 -32.63 -11.99
N LEU A 270 -21.99 -32.73 -10.66
CA LEU A 270 -22.00 -31.56 -9.80
C LEU A 270 -20.58 -30.98 -9.70
N GLY A 271 -20.29 -30.03 -10.59
CA GLY A 271 -18.98 -29.39 -10.66
C GLY A 271 -19.05 -27.89 -10.47
N GLY A 272 -17.91 -27.22 -10.60
CA GLY A 272 -17.81 -25.79 -10.36
C GLY A 272 -18.53 -24.96 -11.41
N GLU A 273 -18.83 -23.71 -11.05
CA GLU A 273 -19.51 -22.77 -11.96
C GLU A 273 -18.51 -22.05 -12.88
N ASN A 274 -17.22 -22.12 -12.55
CA ASN A 274 -16.17 -21.42 -13.29
C ASN A 274 -14.85 -22.19 -13.23
N TYR A 275 -14.46 -22.77 -14.37
CA TYR A 275 -13.23 -23.56 -14.45
C TYR A 275 -12.04 -22.76 -15.01
N ASP A 276 -12.14 -21.43 -14.97
CA ASP A 276 -11.09 -20.57 -15.52
C ASP A 276 -9.83 -20.50 -14.65
N ILE A 277 -9.96 -20.84 -13.37
CA ILE A 277 -8.84 -20.77 -12.43
C ILE A 277 -8.82 -21.92 -11.41
N ILE A 278 -7.62 -22.44 -11.15
CA ILE A 278 -7.41 -23.54 -10.21
C ILE A 278 -6.03 -23.44 -9.56
N ALA A 279 -5.99 -23.43 -8.23
CA ALA A 279 -4.75 -23.20 -7.48
C ALA A 279 -4.05 -24.51 -7.11
N GLU A 280 -2.81 -24.39 -6.63
CA GLU A 280 -2.00 -25.54 -6.23
C GLU A 280 -0.99 -25.17 -5.14
N PHE A 281 -1.32 -25.50 -3.90
CA PHE A 281 -0.43 -25.27 -2.75
C PHE A 281 0.67 -26.34 -2.72
N ASN A 282 1.87 -25.96 -3.16
CA ASN A 282 3.01 -26.89 -3.26
C ASN A 282 2.71 -28.11 -4.14
N GLY A 283 2.03 -27.87 -5.26
CA GLY A 283 1.64 -28.94 -6.16
C GLY A 283 0.59 -29.87 -5.57
N GLN A 284 -0.36 -29.30 -4.84
CA GLN A 284 -1.41 -30.05 -4.18
C GLN A 284 -2.77 -29.38 -4.42
N PRO A 285 -3.81 -30.14 -4.77
CA PRO A 285 -5.11 -29.55 -5.10
C PRO A 285 -5.67 -28.69 -3.98
N ALA A 286 -5.87 -27.40 -4.25
CA ALA A 286 -6.24 -26.43 -3.21
C ALA A 286 -7.11 -25.27 -3.70
N SER A 287 -7.83 -24.67 -2.77
CA SER A 287 -8.56 -23.43 -2.99
C SER A 287 -8.04 -22.36 -2.03
N GLY A 288 -8.74 -21.24 -1.92
CA GLY A 288 -8.35 -20.20 -0.97
C GLY A 288 -9.31 -19.02 -0.84
N LEU A 289 -8.87 -18.01 -0.09
CA LEU A 289 -9.64 -16.80 0.16
C LEU A 289 -8.71 -15.59 0.22
N GLY A 290 -8.53 -14.92 -0.92
CA GLY A 290 -7.71 -13.73 -1.00
C GLY A 290 -8.47 -12.48 -0.59
N ILE A 291 -8.45 -12.20 0.72
CA ILE A 291 -9.11 -11.02 1.27
C ILE A 291 -8.31 -9.77 0.96
N LYS A 292 -8.98 -8.74 0.43
CA LYS A 292 -8.36 -7.46 0.15
C LYS A 292 -9.02 -6.35 1.00
N LEU A 293 -8.28 -5.28 1.24
CA LEU A 293 -8.71 -4.23 2.19
C LEU A 293 -9.89 -3.41 1.65
N ALA A 294 -10.55 -2.70 2.56
CA ALA A 294 -11.79 -1.97 2.24
C ALA A 294 -11.59 -0.45 2.12
N THR A 295 -10.38 -0.03 1.74
CA THR A 295 -10.09 1.38 1.47
C THR A 295 -10.37 2.28 2.67
N GLY A 296 -9.49 2.21 3.67
CA GLY A 296 -9.64 2.98 4.90
C GLY A 296 -9.86 2.11 6.14
N ALA A 297 -9.86 0.79 5.96
CA ALA A 297 -10.01 -0.14 7.08
C ALA A 297 -8.78 -0.13 7.99
N ASN A 298 -8.90 -0.80 9.14
CA ASN A 298 -7.86 -0.77 10.16
C ASN A 298 -6.76 -1.82 10.00
N ALA A 299 -6.70 -2.45 8.83
CA ALA A 299 -5.62 -3.38 8.46
C ALA A 299 -5.51 -4.64 9.34
N LEU A 300 -4.76 -4.57 10.45
CA LEU A 300 -4.54 -5.74 11.30
C LEU A 300 -5.74 -6.07 12.18
N ASP A 301 -6.58 -5.08 12.47
CA ASP A 301 -7.81 -5.29 13.23
C ASP A 301 -8.82 -6.06 12.37
N THR A 302 -8.82 -5.79 11.07
CA THR A 302 -9.61 -6.55 10.11
C THR A 302 -9.10 -7.98 10.00
N ALA A 303 -7.78 -8.15 10.02
CA ALA A 303 -7.15 -9.47 9.91
C ALA A 303 -7.28 -10.30 11.20
N ALA A 304 -7.54 -9.62 12.32
CA ALA A 304 -7.75 -10.29 13.59
C ALA A 304 -9.14 -10.92 13.62
N ALA A 305 -10.11 -10.24 13.00
CA ALA A 305 -11.48 -10.74 12.90
C ALA A 305 -11.68 -11.69 11.72
N ILE A 306 -10.66 -11.83 10.87
CA ILE A 306 -10.64 -12.88 9.85
C ILE A 306 -10.39 -14.22 10.54
N ARG A 307 -9.61 -14.20 11.62
CA ARG A 307 -9.38 -15.39 12.45
C ARG A 307 -10.51 -15.62 13.45
N ALA A 308 -11.38 -14.63 13.64
CA ALA A 308 -12.54 -14.77 14.53
C ALA A 308 -13.58 -15.70 13.94
N GLU A 309 -13.96 -15.45 12.69
CA GLU A 309 -14.90 -16.30 11.97
C GLU A 309 -14.27 -17.66 11.63
N LEU A 310 -13.01 -17.63 11.19
CA LEU A 310 -12.27 -18.84 10.82
C LEU A 310 -12.15 -19.84 11.97
N ALA A 311 -12.03 -19.33 13.19
CA ALA A 311 -11.83 -20.17 14.37
C ALA A 311 -13.08 -20.99 14.70
N LYS A 312 -14.25 -20.40 14.51
CA LYS A 312 -15.52 -21.09 14.75
C LYS A 312 -15.87 -22.07 13.63
N MET A 313 -15.22 -21.92 12.48
CA MET A 313 -15.42 -22.83 11.35
C MET A 313 -14.59 -24.11 11.45
N GLU A 314 -13.46 -24.05 12.16
CA GLU A 314 -12.50 -25.16 12.22
C GLU A 314 -13.08 -26.50 12.72
N PRO A 315 -13.83 -26.49 13.81
CA PRO A 315 -14.33 -27.75 14.41
C PRO A 315 -15.28 -28.55 13.52
N PHE A 316 -16.02 -27.89 12.63
CA PHE A 316 -17.03 -28.55 11.80
C PHE A 316 -16.53 -28.91 10.40
N PHE A 317 -15.23 -29.16 10.28
CA PHE A 317 -14.63 -29.58 9.01
C PHE A 317 -14.75 -31.10 8.84
N PRO A 318 -14.77 -31.57 7.59
CA PRO A 318 -14.70 -33.01 7.32
C PRO A 318 -13.28 -33.56 7.50
N SER A 319 -13.11 -34.87 7.30
CA SER A 319 -11.81 -35.51 7.49
C SER A 319 -10.79 -35.06 6.45
N GLY A 320 -9.69 -34.49 6.92
CA GLY A 320 -8.61 -34.05 6.06
C GLY A 320 -8.48 -32.54 5.91
N LEU A 321 -9.61 -31.84 5.94
CA LEU A 321 -9.63 -30.38 5.73
C LEU A 321 -8.83 -29.65 6.83
N LYS A 322 -7.79 -28.94 6.41
CA LYS A 322 -6.89 -28.23 7.32
C LYS A 322 -6.49 -26.86 6.76
N ILE A 323 -6.33 -25.89 7.65
CA ILE A 323 -5.99 -24.52 7.26
C ILE A 323 -4.47 -24.33 7.19
N VAL A 324 -4.02 -23.59 6.18
CA VAL A 324 -2.60 -23.23 6.03
C VAL A 324 -2.45 -21.73 5.72
N TYR A 325 -1.30 -21.17 6.04
CA TYR A 325 -1.09 -19.72 5.95
C TYR A 325 0.12 -19.30 5.10
N PRO A 326 -0.11 -19.08 3.80
CA PRO A 326 0.85 -18.37 2.94
C PRO A 326 0.64 -16.85 3.01
N TYR A 327 1.25 -16.10 2.08
CA TYR A 327 1.10 -14.64 1.98
C TYR A 327 0.35 -13.99 3.15
N ASP A 328 1.09 -13.53 4.15
CA ASP A 328 0.51 -12.95 5.36
C ASP A 328 1.15 -11.62 5.73
N THR A 329 0.32 -10.62 6.01
CA THR A 329 0.77 -9.28 6.39
C THR A 329 0.88 -9.12 7.92
N THR A 330 0.16 -9.97 8.66
CA THR A 330 0.11 -9.90 10.12
C THR A 330 1.47 -9.87 10.85
N PRO A 331 2.36 -10.82 10.57
CA PRO A 331 3.63 -10.91 11.31
C PRO A 331 4.62 -9.76 11.05
N PHE A 332 4.44 -8.99 9.97
CA PHE A 332 5.32 -7.86 9.68
C PHE A 332 5.10 -6.69 10.64
N VAL A 333 3.86 -6.49 11.08
CA VAL A 333 3.56 -5.43 12.05
C VAL A 333 3.98 -5.83 13.47
N LYS A 334 4.01 -7.14 13.75
CA LYS A 334 4.49 -7.67 15.03
C LYS A 334 6.02 -7.54 15.13
N ILE A 335 6.69 -7.50 14.00
CA ILE A 335 8.15 -7.33 13.94
C ILE A 335 8.51 -5.83 13.98
N SER A 336 7.60 -4.98 13.50
CA SER A 336 7.81 -3.54 13.50
C SER A 336 7.57 -2.93 14.88
N ILE A 337 6.86 -3.66 15.74
CA ILE A 337 6.64 -3.25 17.13
C ILE A 337 7.74 -3.82 18.04
N HIS A 338 8.20 -5.03 17.72
CA HIS A 338 9.22 -5.71 18.53
C HIS A 338 10.65 -5.31 18.17
N GLU A 339 10.84 -4.57 17.09
CA GLU A 339 12.17 -4.04 16.73
C GLU A 339 12.12 -2.52 16.58
N VAL A 340 11.46 -1.90 17.55
CA VAL A 340 11.32 -0.44 17.66
C VAL A 340 11.13 -0.09 19.14
N VAL A 341 10.29 -0.87 19.83
CA VAL A 341 10.19 -0.86 21.29
C VAL A 341 11.43 -1.53 21.90
N LYS A 342 12.07 -2.43 21.15
CA LYS A 342 13.36 -2.99 21.55
C LYS A 342 14.47 -1.96 21.33
N THR A 343 14.36 -1.18 20.25
CA THR A 343 15.28 -0.07 19.98
C THR A 343 15.03 1.08 20.95
N LEU A 344 13.82 1.16 21.49
CA LEU A 344 13.45 2.14 22.51
C LEU A 344 14.20 1.86 23.81
N VAL A 345 14.29 0.58 24.17
CA VAL A 345 14.98 0.15 25.38
C VAL A 345 16.51 0.23 25.21
N GLU A 346 16.99 0.07 23.98
CA GLU A 346 18.41 0.17 23.68
C GLU A 346 18.89 1.61 23.68
N ALA A 347 17.97 2.56 23.50
CA ALA A 347 18.29 3.98 23.52
C ALA A 347 18.32 4.52 24.96
N ILE A 348 17.58 3.86 25.86
CA ILE A 348 17.56 4.25 27.27
C ILE A 348 18.78 3.70 28.01
N ILE A 349 19.16 2.46 27.72
CA ILE A 349 20.31 1.81 28.36
C ILE A 349 21.62 2.46 27.93
N LEU A 350 21.72 2.84 26.66
CA LEU A 350 22.92 3.49 26.13
C LEU A 350 23.06 4.92 26.68
N VAL A 351 21.92 5.59 26.86
CA VAL A 351 21.89 6.93 27.47
C VAL A 351 22.25 6.85 28.96
N PHE A 352 21.97 5.72 29.59
CA PHE A 352 22.28 5.51 31.00
C PHE A 352 23.78 5.48 31.26
N LEU A 353 24.54 4.95 30.29
CA LEU A 353 26.00 4.87 30.40
C LEU A 353 26.67 6.24 30.18
N VAL A 354 26.08 7.06 29.31
CA VAL A 354 26.62 8.40 29.03
C VAL A 354 26.40 9.34 30.23
N MET A 355 25.28 9.17 30.92
CA MET A 355 24.96 10.00 32.08
C MET A 355 25.79 9.62 33.30
N TYR A 356 26.30 8.40 33.32
CA TYR A 356 27.11 7.90 34.45
C TYR A 356 28.60 8.27 34.30
N LEU A 357 29.07 8.35 33.05
CA LEU A 357 30.48 8.67 32.78
C LEU A 357 30.78 10.13 33.11
N PHE A 358 29.88 11.02 32.72
CA PHE A 358 30.07 12.46 32.91
C PHE A 358 29.76 12.86 34.36
N LEU A 359 28.70 12.28 34.92
CA LEU A 359 28.32 12.51 36.31
C LEU A 359 28.22 11.17 37.04
N GLN A 360 29.08 10.98 38.06
CA GLN A 360 29.15 9.71 38.78
C GLN A 360 27.97 9.44 39.70
N ASN A 361 27.15 10.46 39.97
CA ASN A 361 25.95 10.30 40.80
C ASN A 361 24.92 9.39 40.15
N PHE A 362 24.44 8.39 40.90
CA PHE A 362 23.42 7.46 40.41
C PHE A 362 22.07 8.14 40.21
N ARG A 363 21.75 9.07 41.11
CA ARG A 363 20.51 9.85 41.03
C ARG A 363 20.50 10.80 39.82
N ALA A 364 21.69 11.25 39.39
CA ALA A 364 21.82 12.11 38.22
C ALA A 364 21.57 11.35 36.92
N THR A 365 21.86 10.05 36.92
CA THR A 365 21.52 9.17 35.79
C THR A 365 20.17 8.50 36.07
N LEU A 366 19.16 9.31 36.31
CA LEU A 366 17.84 8.85 36.71
C LEU A 366 16.73 9.86 36.38
N ILE A 367 17.05 11.16 36.47
CA ILE A 367 16.11 12.22 36.11
C ILE A 367 15.79 12.22 34.61
N PRO A 368 16.80 12.07 33.74
CA PRO A 368 16.55 11.93 32.31
C PRO A 368 15.97 10.55 31.94
N THR A 369 16.21 9.56 32.78
CA THR A 369 15.70 8.21 32.56
C THR A 369 14.18 8.12 32.75
N ILE A 370 13.63 9.00 33.59
CA ILE A 370 12.18 9.08 33.82
C ILE A 370 11.54 10.21 32.99
N ALA A 371 12.38 11.08 32.43
CA ALA A 371 11.90 12.22 31.65
C ALA A 371 11.32 11.76 30.32
N VAL A 372 12.12 11.03 29.55
CA VAL A 372 11.72 10.61 28.19
C VAL A 372 10.60 9.55 28.10
N PRO A 373 10.51 8.58 29.01
CA PRO A 373 9.37 7.66 28.99
C PRO A 373 8.04 8.35 29.26
N VAL A 374 8.03 9.39 30.09
CA VAL A 374 6.83 10.17 30.36
C VAL A 374 6.37 10.92 29.12
N VAL A 375 7.31 11.40 28.30
CA VAL A 375 6.98 12.12 27.07
C VAL A 375 6.52 11.15 25.97
N LEU A 376 7.04 9.93 26.00
CA LEU A 376 6.66 8.88 25.03
C LEU A 376 5.19 8.50 25.18
N LEU A 377 4.73 8.40 26.43
CA LEU A 377 3.35 8.04 26.72
C LEU A 377 2.39 9.18 26.41
N GLY A 378 2.81 10.41 26.71
CA GLY A 378 2.01 11.59 26.43
C GLY A 378 1.72 11.75 24.94
N THR A 379 2.65 11.32 24.10
CA THR A 379 2.49 11.39 22.66
C THR A 379 1.39 10.45 22.17
N PHE A 380 1.27 9.27 22.79
CA PHE A 380 0.19 8.34 22.46
C PHE A 380 -1.18 8.94 22.75
N ALA A 381 -1.27 9.77 23.79
CA ALA A 381 -2.53 10.41 24.19
C ALA A 381 -2.94 11.53 23.23
N VAL A 382 -1.98 12.18 22.60
CA VAL A 382 -2.25 13.26 21.65
C VAL A 382 -2.71 12.70 20.29
N LEU A 383 -2.07 11.62 19.85
CA LEU A 383 -2.41 10.98 18.57
C LEU A 383 -3.75 10.25 18.63
N ALA A 384 -4.16 9.85 19.83
CA ALA A 384 -5.45 9.20 20.03
C ALA A 384 -6.59 10.21 20.06
N ALA A 385 -6.31 11.38 20.62
CA ALA A 385 -7.30 12.45 20.76
C ALA A 385 -7.54 13.20 19.44
N PHE A 386 -6.58 13.15 18.53
CA PHE A 386 -6.67 13.88 17.26
C PHE A 386 -7.24 13.01 16.15
N GLY A 387 -6.67 11.82 15.96
CA GLY A 387 -7.12 10.90 14.93
C GLY A 387 -6.15 9.83 14.46
N PHE A 388 -4.85 10.06 14.64
CA PHE A 388 -3.82 9.13 14.14
C PHE A 388 -3.80 7.80 14.90
N SER A 389 -2.96 6.88 14.43
CA SER A 389 -2.80 5.56 15.05
C SER A 389 -1.32 5.20 15.26
N ILE A 390 -1.06 3.99 15.71
CA ILE A 390 0.30 3.45 15.81
C ILE A 390 0.71 2.88 14.46
N ASN A 391 1.05 3.77 13.54
CA ASN A 391 1.52 3.37 12.21
C ASN A 391 3.00 3.00 12.23
N THR A 392 3.51 2.56 11.09
CA THR A 392 4.95 2.33 10.92
C THR A 392 5.71 3.64 10.98
N LEU A 393 5.06 4.72 10.52
CA LEU A 393 5.69 6.04 10.48
C LEU A 393 5.75 6.71 11.85
N THR A 394 4.63 6.71 12.57
CA THR A 394 4.55 7.41 13.86
C THR A 394 5.35 6.71 14.97
N MET A 395 5.63 5.42 14.79
CA MET A 395 6.48 4.68 15.74
C MET A 395 7.95 4.96 15.45
N PHE A 396 8.27 5.21 14.19
CA PHE A 396 9.60 5.69 13.78
C PHE A 396 9.84 7.13 14.24
N GLY A 397 8.76 7.85 14.52
CA GLY A 397 8.83 9.19 15.07
C GLY A 397 9.19 9.19 16.54
N MET A 398 8.85 8.10 17.23
CA MET A 398 9.19 7.94 18.64
C MET A 398 10.68 7.69 18.83
N VAL A 399 11.32 7.06 17.85
CA VAL A 399 12.75 6.77 17.92
C VAL A 399 13.57 8.00 17.56
N LEU A 400 13.12 8.73 16.53
CA LEU A 400 13.74 9.99 16.13
C LEU A 400 13.51 11.09 17.17
N ALA A 401 12.45 10.95 17.96
CA ALA A 401 12.14 11.90 19.02
C ALA A 401 13.01 11.68 20.24
N ILE A 402 13.20 10.41 20.62
CA ILE A 402 14.02 10.06 21.79
C ILE A 402 15.32 10.84 21.83
N GLY A 403 15.93 11.08 20.68
CA GLY A 403 17.11 11.90 20.57
C GLY A 403 16.89 13.34 21.01
N LEU A 404 15.86 13.98 20.46
CA LEU A 404 15.44 15.32 20.88
C LEU A 404 14.38 15.24 21.99
N LEU A 405 14.72 14.54 23.07
CA LEU A 405 13.84 14.40 24.24
C LEU A 405 14.66 14.32 25.52
N VAL A 406 15.66 13.43 25.54
CA VAL A 406 16.68 13.43 26.59
C VAL A 406 17.60 14.64 26.42
N ASP A 407 17.65 15.18 25.20
CA ASP A 407 18.35 16.43 24.93
C ASP A 407 17.85 17.54 25.85
N ASP A 408 16.53 17.71 25.90
CA ASP A 408 15.92 18.75 26.73
C ASP A 408 16.04 18.44 28.22
N ALA A 409 16.01 17.16 28.56
CA ALA A 409 16.12 16.71 29.96
C ALA A 409 17.55 16.84 30.50
N ILE A 410 18.54 16.87 29.61
CA ILE A 410 19.95 16.93 30.00
C ILE A 410 20.35 18.37 30.34
N VAL A 411 19.81 19.35 29.61
CA VAL A 411 20.18 20.75 29.81
C VAL A 411 19.76 21.24 31.20
N VAL A 412 18.56 20.87 31.63
CA VAL A 412 18.06 21.29 32.94
C VAL A 412 18.82 20.62 34.08
N VAL A 413 19.03 19.31 33.97
CA VAL A 413 19.64 18.51 35.04
C VAL A 413 21.09 18.90 35.32
N GLU A 414 21.92 18.93 34.28
CA GLU A 414 23.36 19.17 34.44
C GLU A 414 23.72 20.63 34.71
N ASN A 415 22.81 21.55 34.40
CA ASN A 415 23.03 22.97 34.72
C ASN A 415 22.87 23.23 36.22
N VAL A 416 22.09 22.38 36.89
CA VAL A 416 22.03 22.40 38.36
C VAL A 416 23.33 21.83 38.92
N GLU A 417 23.86 20.79 38.26
CA GLU A 417 25.14 20.19 38.65
C GLU A 417 26.30 21.18 38.56
N ARG A 418 26.17 22.16 37.67
CA ARG A 418 27.16 23.23 37.53
C ARG A 418 27.13 24.15 38.74
N VAL A 419 25.93 24.56 39.15
CA VAL A 419 25.75 25.47 40.29
C VAL A 419 26.15 24.80 41.63
N MET A 420 26.22 23.47 41.63
CA MET A 420 26.66 22.72 42.82
C MET A 420 28.16 22.42 42.78
N ALA A 421 28.96 23.41 42.44
CA ALA A 421 30.42 23.27 42.33
C ALA A 421 31.06 24.63 42.01
N GLU A 422 30.59 25.23 40.90
CA GLU A 422 30.97 26.59 40.51
C GLU A 422 30.75 27.58 41.67
N GLU A 423 29.58 27.46 42.29
CA GLU A 423 29.28 28.20 43.52
C GLU A 423 28.52 27.27 44.47
N GLY A 424 29.25 26.33 45.07
CA GLY A 424 28.71 25.28 45.91
C GLY A 424 27.40 25.58 46.62
N LEU A 425 26.32 25.02 46.10
CA LEU A 425 24.98 25.19 46.68
C LEU A 425 24.02 24.10 46.19
N PRO A 426 23.78 23.08 47.02
CA PRO A 426 22.76 22.04 46.72
C PRO A 426 21.26 22.40 46.83
N PRO A 427 20.83 23.48 47.50
CA PRO A 427 19.42 23.62 47.88
C PRO A 427 18.45 23.93 46.73
N LYS A 428 17.19 24.19 47.07
CA LYS A 428 16.16 24.50 46.09
C LYS A 428 16.41 25.79 45.31
N GLU A 429 17.09 26.75 45.95
CA GLU A 429 17.38 28.04 45.32
C GLU A 429 18.45 27.95 44.23
N ALA A 430 19.24 26.87 44.26
CA ALA A 430 20.19 26.60 43.18
C ALA A 430 19.47 26.09 41.94
N THR A 431 18.42 25.29 42.15
CA THR A 431 17.61 24.75 41.06
C THR A 431 16.73 25.82 40.43
N ARG A 432 16.38 26.85 41.20
CA ARG A 432 15.48 27.91 40.76
C ARG A 432 16.21 28.95 39.91
N LYS A 433 17.38 29.38 40.38
CA LYS A 433 18.16 30.42 39.72
C LYS A 433 19.03 29.87 38.59
N SER A 434 19.12 28.54 38.50
CA SER A 434 19.80 27.90 37.36
C SER A 434 18.95 28.04 36.10
N MET A 435 17.64 27.84 36.25
CA MET A 435 16.70 28.02 35.14
C MET A 435 16.13 29.45 35.08
N GLY A 436 16.88 30.41 35.61
CA GLY A 436 16.66 31.82 35.30
C GLY A 436 17.32 32.11 33.97
N GLN A 437 18.43 31.42 33.71
CA GLN A 437 19.14 31.51 32.43
C GLN A 437 18.58 30.54 31.40
N ILE A 438 18.16 29.36 31.85
CA ILE A 438 17.74 28.28 30.94
C ILE A 438 16.31 28.48 30.42
N GLN A 439 15.41 28.95 31.28
CA GLN A 439 13.99 29.09 30.92
C GLN A 439 13.74 29.97 29.70
N GLY A 440 14.54 31.02 29.53
CA GLY A 440 14.45 31.89 28.37
C GLY A 440 14.58 31.13 27.06
N ALA A 441 15.53 30.21 27.02
CA ALA A 441 15.74 29.35 25.85
C ALA A 441 14.66 28.28 25.71
N LEU A 442 14.24 27.67 26.83
CA LEU A 442 13.33 26.51 26.81
C LEU A 442 11.99 26.76 26.12
N VAL A 443 11.51 28.00 26.17
CA VAL A 443 10.26 28.37 25.50
C VAL A 443 10.51 28.80 24.06
N GLY A 444 11.66 29.43 23.82
CA GLY A 444 12.07 29.83 22.48
C GLY A 444 12.41 28.66 21.56
N ILE A 445 13.13 27.68 22.09
CA ILE A 445 13.45 26.44 21.36
C ILE A 445 12.20 25.62 21.06
N ALA A 446 11.17 25.74 21.89
CA ALA A 446 9.91 25.06 21.68
C ALA A 446 9.14 25.65 20.50
N MET A 447 9.31 26.96 20.27
CA MET A 447 8.60 27.66 19.20
C MET A 447 9.29 27.54 17.83
N VAL A 448 10.59 27.22 17.82
CA VAL A 448 11.34 27.05 16.56
C VAL A 448 11.39 25.60 16.10
N LEU A 449 11.18 24.65 17.01
CA LEU A 449 10.99 23.25 16.64
C LEU A 449 9.57 23.07 16.11
N SER A 450 8.66 23.95 16.53
CA SER A 450 7.29 23.98 16.02
C SER A 450 7.18 24.74 14.69
N ALA A 451 8.30 25.30 14.23
CA ALA A 451 8.35 26.06 12.99
C ALA A 451 9.17 25.37 11.89
N VAL A 452 10.00 24.40 12.26
CA VAL A 452 10.72 23.57 11.28
C VAL A 452 9.85 22.38 10.88
N PHE A 453 9.12 21.82 11.84
CA PHE A 453 8.40 20.57 11.66
C PHE A 453 6.98 20.78 11.14
N VAL A 454 6.22 21.67 11.77
CA VAL A 454 4.79 21.82 11.49
C VAL A 454 4.45 22.32 10.07
N PRO A 455 5.14 23.34 9.56
CA PRO A 455 4.95 23.74 8.15
C PRO A 455 5.43 22.70 7.14
N MET A 456 6.41 21.87 7.51
CA MET A 456 6.79 20.72 6.70
C MET A 456 5.65 19.69 6.66
N ALA A 457 4.83 19.68 7.69
CA ALA A 457 3.63 18.85 7.77
C ALA A 457 2.38 19.58 7.27
N PHE A 458 2.49 20.20 6.09
CA PHE A 458 1.33 20.73 5.38
C PHE A 458 1.12 19.97 4.06
N PHE A 459 1.58 18.72 4.06
CA PHE A 459 1.22 17.66 3.09
C PHE A 459 0.41 18.03 1.83
N GLY A 460 0.77 17.42 0.70
CA GLY A 460 0.07 17.64 -0.55
C GLY A 460 0.07 16.42 -1.47
N GLY A 461 -1.06 15.71 -1.50
CA GLY A 461 -1.26 14.60 -2.42
C GLY A 461 -1.31 13.24 -1.77
N SER A 462 -0.89 12.22 -2.52
CA SER A 462 -0.86 10.83 -2.03
C SER A 462 0.18 10.64 -0.92
N THR A 463 1.14 11.55 -0.85
CA THR A 463 2.06 11.64 0.28
C THR A 463 1.41 12.59 1.30
N GLY A 464 0.30 12.12 1.88
CA GLY A 464 -0.51 12.91 2.78
C GLY A 464 -0.09 12.73 4.21
N ALA A 465 -0.09 11.48 4.68
CA ALA A 465 0.27 11.15 6.06
C ALA A 465 1.75 10.74 6.19
N ILE A 466 2.61 11.29 5.34
CA ILE A 466 4.02 10.92 5.30
C ILE A 466 4.87 12.03 5.95
N TYR A 467 4.83 13.23 5.38
CA TYR A 467 5.48 14.39 5.99
C TYR A 467 4.59 15.00 7.06
N ARG A 468 3.29 14.71 6.98
CA ARG A 468 2.33 15.16 8.00
C ARG A 468 2.64 14.49 9.33
N GLN A 469 2.49 13.17 9.37
CA GLN A 469 2.74 12.39 10.59
C GLN A 469 4.21 12.45 11.02
N PHE A 470 5.09 12.77 10.07
CA PHE A 470 6.48 13.09 10.37
C PHE A 470 6.94 14.32 11.18
N SER A 471 5.94 15.08 11.65
CA SER A 471 6.15 16.25 12.49
C SER A 471 5.16 16.25 13.66
N ILE A 472 3.86 16.43 13.38
CA ILE A 472 2.81 16.45 14.43
C ILE A 472 2.98 15.36 15.49
N THR A 473 3.46 14.18 15.10
CA THR A 473 3.78 13.12 16.05
C THR A 473 4.89 13.54 17.01
N ILE A 474 6.02 13.95 16.44
CA ILE A 474 7.19 14.39 17.20
C ILE A 474 7.04 15.82 17.76
N VAL A 475 6.04 16.56 17.25
CA VAL A 475 5.82 17.95 17.64
C VAL A 475 5.05 17.98 18.96
N SER A 476 4.18 16.99 19.15
CA SER A 476 3.51 16.78 20.43
C SER A 476 4.54 16.36 21.48
N ALA A 477 5.52 15.57 21.06
CA ALA A 477 6.62 15.14 21.93
C ALA A 477 7.54 16.30 22.33
N MET A 478 7.60 17.35 21.50
CA MET A 478 8.39 18.53 21.82
C MET A 478 7.73 19.33 22.95
N ALA A 479 6.41 19.52 22.84
CA ALA A 479 5.65 20.33 23.79
C ALA A 479 5.37 19.57 25.08
N LEU A 480 5.52 18.24 25.02
CA LEU A 480 5.39 17.39 26.20
C LEU A 480 6.73 17.26 26.92
N SER A 481 7.82 17.51 26.19
CA SER A 481 9.16 17.54 26.77
C SER A 481 9.52 18.93 27.31
N VAL A 482 8.82 19.94 26.81
CA VAL A 482 8.93 21.31 27.32
C VAL A 482 8.00 21.44 28.54
N LEU A 483 6.94 20.64 28.55
CA LEU A 483 6.08 20.50 29.74
C LEU A 483 6.75 19.62 30.80
N VAL A 484 7.65 18.74 30.35
CA VAL A 484 8.42 17.87 31.25
C VAL A 484 9.71 18.59 31.72
N ALA A 485 10.05 19.70 31.06
CA ALA A 485 11.24 20.48 31.42
C ALA A 485 10.89 21.77 32.19
N LEU A 486 9.63 22.19 32.13
CA LEU A 486 9.14 23.36 32.88
C LEU A 486 8.43 22.90 34.16
N ILE A 487 7.72 21.78 34.06
CA ILE A 487 7.21 21.03 35.21
C ILE A 487 8.13 19.83 35.38
N LEU A 488 8.02 19.12 36.50
CA LEU A 488 8.69 17.83 36.73
C LEU A 488 10.21 17.91 36.92
N THR A 489 10.97 18.20 35.86
CA THR A 489 12.43 18.23 35.94
C THR A 489 12.97 19.25 36.95
N PRO A 490 12.51 20.50 36.91
CA PRO A 490 12.73 21.44 38.02
C PRO A 490 12.48 20.85 39.41
N ALA A 491 11.37 20.13 39.57
CA ALA A 491 10.98 19.56 40.86
C ALA A 491 11.91 18.45 41.35
N LEU A 492 12.18 17.47 40.50
CA LEU A 492 13.00 16.31 40.86
C LEU A 492 14.46 16.68 41.16
N CYS A 493 14.94 17.75 40.54
CA CYS A 493 16.31 18.23 40.75
C CYS A 493 16.49 18.87 42.12
N ALA A 494 15.50 19.66 42.54
CA ALA A 494 15.54 20.35 43.83
C ALA A 494 15.27 19.38 44.98
N THR A 495 14.20 18.60 44.85
CA THR A 495 13.79 17.60 45.83
C THR A 495 14.91 16.63 46.20
N MET A 496 15.59 16.10 45.18
CA MET A 496 16.60 15.07 45.38
C MET A 496 17.71 15.15 44.33
N LEU A 497 18.91 15.55 44.77
CA LEU A 497 20.10 15.50 43.91
C LEU A 497 21.30 15.01 44.73
N LYS A 498 22.15 15.91 45.25
CA LYS A 498 23.33 15.48 45.99
C LYS A 498 23.00 15.25 47.46
N PHE A 513 38.91 9.59 40.01
CA PHE A 513 39.23 9.00 38.71
C PHE A 513 40.13 9.92 37.89
N GLY A 514 40.84 9.33 36.92
CA GLY A 514 41.56 10.08 35.92
C GLY A 514 40.69 10.41 34.71
N TRP A 515 39.42 10.01 34.77
CA TRP A 515 38.46 10.27 33.71
C TRP A 515 37.99 11.72 33.81
N PHE A 516 37.70 12.16 35.03
CA PHE A 516 37.31 13.53 35.30
C PHE A 516 38.48 14.50 35.13
N ASN A 517 39.68 14.06 35.51
CA ASN A 517 40.88 14.87 35.34
C ASN A 517 41.22 15.10 33.86
N ARG A 518 40.79 14.18 33.00
CA ARG A 518 40.97 14.33 31.56
C ARG A 518 40.04 15.38 30.98
N MET A 519 38.76 15.33 31.36
CA MET A 519 37.73 16.18 30.78
C MET A 519 37.95 17.67 31.06
N PHE A 520 38.44 18.00 32.25
CA PHE A 520 38.71 19.39 32.62
C PHE A 520 40.02 19.91 32.01
N GLU A 521 40.90 19.00 31.61
CA GLU A 521 42.14 19.37 30.91
C GLU A 521 41.86 19.82 29.48
N LYS A 522 40.88 19.19 28.83
CA LYS A 522 40.45 19.59 27.49
C LYS A 522 39.66 20.88 27.53
N SER A 523 38.74 20.99 28.50
CA SER A 523 37.84 22.14 28.60
C SER A 523 38.54 23.46 28.94
N THR A 524 39.66 23.38 29.66
CA THR A 524 40.41 24.58 30.07
C THR A 524 41.46 24.96 29.03
N HIS A 525 42.38 24.04 28.76
CA HIS A 525 43.40 24.22 27.72
C HIS A 525 42.83 23.73 26.38
N HIS A 526 43.71 23.32 25.46
CA HIS A 526 43.33 22.58 24.26
C HIS A 526 42.11 23.11 23.50
N TYR A 527 40.91 22.77 23.98
CA TYR A 527 39.67 23.30 23.40
C TYR A 527 39.55 24.82 23.55
N THR A 528 39.33 25.30 24.78
CA THR A 528 39.06 26.72 25.03
C THR A 528 40.25 27.63 24.73
N ASP A 529 41.46 27.10 24.79
CA ASP A 529 42.65 27.85 24.39
C ASP A 529 42.66 28.06 22.87
N SER A 530 42.24 27.02 22.13
CA SER A 530 42.10 27.11 20.68
C SER A 530 40.80 27.77 20.23
N VAL A 531 39.90 28.07 21.17
CA VAL A 531 38.68 28.83 20.86
C VAL A 531 39.04 30.32 20.79
N GLY A 532 39.96 30.75 21.66
CA GLY A 532 40.50 32.09 21.62
C GLY A 532 41.43 32.30 20.43
N GLY A 533 42.05 31.22 19.95
CA GLY A 533 42.93 31.27 18.80
C GLY A 533 42.19 31.45 17.49
N ILE A 534 41.06 30.75 17.34
CA ILE A 534 40.24 30.87 16.13
C ILE A 534 39.46 32.19 16.09
N LEU A 535 39.08 32.70 17.26
CA LEU A 535 38.35 33.97 17.36
C LEU A 535 39.24 35.17 17.01
N ARG A 536 40.55 35.02 17.21
CA ARG A 536 41.52 36.05 16.80
C ARG A 536 41.48 36.22 15.28
N SER A 537 41.51 35.10 14.57
CA SER A 537 41.31 35.09 13.12
C SER A 537 39.82 35.22 12.81
N THR A 538 39.50 35.38 11.53
CA THR A 538 38.11 35.54 11.07
C THR A 538 37.97 35.32 9.56
N GLY A 539 38.85 35.95 8.79
CA GLY A 539 38.80 35.84 7.34
C GLY A 539 39.05 34.45 6.79
N ARG A 540 39.86 33.65 7.49
CA ARG A 540 40.18 32.30 7.04
C ARG A 540 39.03 31.32 7.29
N TYR A 541 38.41 31.41 8.45
CA TYR A 541 37.32 30.50 8.84
C TYR A 541 35.96 30.91 8.26
N LEU A 542 35.88 32.10 7.66
CA LEU A 542 34.71 32.51 6.90
C LEU A 542 34.81 31.92 5.49
N VAL A 543 36.02 31.87 4.96
CA VAL A 543 36.30 31.22 3.68
C VAL A 543 36.16 29.71 3.79
N LEU A 544 36.31 29.18 5.02
CA LEU A 544 36.12 27.76 5.29
C LEU A 544 34.62 27.42 5.40
N TYR A 545 33.83 28.39 5.87
CA TYR A 545 32.38 28.22 5.96
C TYR A 545 31.75 28.22 4.57
N LEU A 546 32.24 29.08 3.68
CA LEU A 546 31.74 29.17 2.32
C LEU A 546 32.19 27.97 1.48
N ILE A 547 33.32 27.37 1.85
CA ILE A 547 33.81 26.15 1.21
C ILE A 547 32.90 24.96 1.57
N ILE A 548 32.34 24.99 2.78
CA ILE A 548 31.42 23.95 3.25
C ILE A 548 30.08 24.03 2.51
N VAL A 549 29.65 25.25 2.17
CA VAL A 549 28.38 25.46 1.45
C VAL A 549 28.50 25.04 -0.02
N VAL A 550 29.71 25.10 -0.58
CA VAL A 550 29.96 24.64 -1.94
C VAL A 550 29.80 23.12 -2.03
N GLY A 551 30.33 22.41 -1.04
CA GLY A 551 30.21 20.97 -0.97
C GLY A 551 28.83 20.49 -0.52
N MET A 552 28.05 21.38 0.08
CA MET A 552 26.69 21.05 0.55
C MET A 552 25.72 21.00 -0.63
N ALA A 553 25.95 21.88 -1.62
CA ALA A 553 25.14 21.92 -2.83
C ALA A 553 25.45 20.74 -3.74
N TYR A 554 26.73 20.42 -3.88
CA TYR A 554 27.19 19.35 -4.78
C TYR A 554 26.77 17.95 -4.32
N LEU A 555 26.66 17.76 -3.01
CA LEU A 555 26.24 16.47 -2.44
C LEU A 555 24.71 16.34 -2.30
N PHE A 556 23.98 17.22 -2.98
CA PHE A 556 22.52 17.27 -2.92
C PHE A 556 21.89 17.02 -4.28
N VAL A 557 22.32 17.79 -5.29
CA VAL A 557 21.85 17.60 -6.67
C VAL A 557 22.18 16.21 -7.21
N ARG A 558 23.42 15.77 -6.97
CA ARG A 558 23.88 14.46 -7.44
C ARG A 558 23.26 13.30 -6.65
N LEU A 559 22.88 13.57 -5.39
CA LEU A 559 22.18 12.57 -4.58
C LEU A 559 20.78 12.35 -5.16
N PRO A 560 20.47 11.12 -5.56
CA PRO A 560 19.21 10.83 -6.26
C PRO A 560 17.97 10.92 -5.38
N SER A 561 16.79 10.91 -6.00
CA SER A 561 15.53 11.09 -5.30
C SER A 561 14.64 9.84 -5.36
N SER A 562 14.33 9.29 -4.20
CA SER A 562 13.38 8.20 -4.05
C SER A 562 12.21 8.66 -3.17
N PHE A 563 11.26 7.75 -2.91
CA PHE A 563 10.13 8.05 -2.03
C PHE A 563 10.21 7.22 -0.74
N LEU A 564 10.25 5.90 -0.89
CA LEU A 564 10.32 4.99 0.25
C LEU A 564 11.06 3.70 -0.13
N PRO A 565 11.98 3.25 0.73
CA PRO A 565 12.81 2.07 0.41
C PRO A 565 11.99 0.78 0.34
N ASP A 566 12.24 -0.03 -0.68
CA ASP A 566 11.54 -1.30 -0.84
C ASP A 566 12.13 -2.33 0.13
N GLU A 567 11.36 -2.68 1.15
CA GLU A 567 11.85 -3.48 2.26
C GLU A 567 11.62 -4.98 2.07
N ASP A 568 12.37 -5.78 2.84
CA ASP A 568 12.12 -7.21 2.96
C ASP A 568 10.91 -7.38 3.88
N GLN A 569 9.82 -7.95 3.34
CA GLN A 569 8.56 -8.07 4.07
C GLN A 569 8.23 -9.53 4.43
N GLY A 570 9.19 -10.42 4.24
CA GLY A 570 8.99 -11.85 4.48
C GLY A 570 8.04 -12.50 3.49
N VAL A 571 7.76 -11.81 2.38
CA VAL A 571 6.73 -12.22 1.43
C VAL A 571 6.93 -11.48 0.10
N PHE A 572 6.94 -12.22 -1.00
CA PHE A 572 6.94 -11.63 -2.34
C PHE A 572 6.10 -12.48 -3.30
N MET A 573 6.09 -12.12 -4.58
CA MET A 573 5.34 -12.88 -5.59
C MET A 573 5.89 -12.70 -7.01
N THR A 574 5.36 -13.51 -7.93
CA THR A 574 5.79 -13.49 -9.33
C THR A 574 4.62 -13.84 -10.26
N MET A 575 4.60 -13.26 -11.45
CA MET A 575 3.49 -13.44 -12.39
C MET A 575 3.91 -14.12 -13.70
N VAL A 576 2.91 -14.50 -14.50
CA VAL A 576 3.11 -15.25 -15.74
C VAL A 576 2.30 -14.64 -16.89
N GLN A 577 2.78 -14.84 -18.12
CA GLN A 577 2.15 -14.29 -19.31
C GLN A 577 2.52 -15.11 -20.55
N LEU A 578 1.54 -15.82 -21.12
CA LEU A 578 1.77 -16.62 -22.33
C LEU A 578 1.31 -15.84 -23.56
N PRO A 579 1.87 -16.16 -24.73
CA PRO A 579 1.60 -15.39 -25.96
C PRO A 579 0.18 -15.60 -26.52
N ALA A 580 -0.07 -14.99 -27.69
CA ALA A 580 -1.40 -14.95 -28.30
C ALA A 580 -2.10 -16.32 -28.39
N GLY A 581 -3.22 -16.45 -27.68
CA GLY A 581 -4.09 -17.61 -27.79
C GLY A 581 -3.55 -18.87 -27.14
N ALA A 582 -3.05 -18.73 -25.91
CA ALA A 582 -2.59 -19.88 -25.13
C ALA A 582 -3.76 -20.51 -24.38
N THR A 583 -3.56 -21.73 -23.88
CA THR A 583 -4.60 -22.49 -23.20
C THR A 583 -4.28 -22.69 -21.72
N GLN A 584 -5.18 -23.35 -21.00
CA GLN A 584 -5.00 -23.65 -19.57
C GLN A 584 -3.88 -24.67 -19.35
N GLU A 585 -3.69 -25.58 -20.31
CA GLU A 585 -2.68 -26.63 -20.19
C GLU A 585 -1.26 -26.10 -20.43
N ARG A 586 -1.13 -25.13 -21.34
CA ARG A 586 0.17 -24.56 -21.68
C ARG A 586 0.73 -23.68 -20.56
N THR A 587 -0.13 -22.87 -19.96
CA THR A 587 0.27 -21.99 -18.86
C THR A 587 0.57 -22.76 -17.57
N GLN A 588 -0.01 -23.95 -17.43
CA GLN A 588 0.23 -24.81 -16.26
C GLN A 588 1.65 -25.39 -16.28
N LYS A 589 2.19 -25.60 -17.48
CA LYS A 589 3.58 -26.05 -17.63
C LYS A 589 4.56 -24.99 -17.14
N VAL A 590 4.23 -23.72 -17.37
CA VAL A 590 5.07 -22.59 -16.95
C VAL A 590 4.97 -22.36 -15.44
N LEU A 591 3.80 -22.61 -14.88
CA LEU A 591 3.56 -22.41 -13.44
C LEU A 591 4.22 -23.51 -12.60
N ASN A 592 4.47 -24.67 -13.21
CA ASN A 592 5.13 -25.78 -12.53
C ASN A 592 6.63 -25.54 -12.43
N GLU A 593 7.24 -25.11 -13.52
CA GLU A 593 8.68 -24.83 -13.54
C GLU A 593 9.09 -23.70 -12.59
N VAL A 594 8.18 -22.74 -12.39
CA VAL A 594 8.40 -21.64 -11.46
C VAL A 594 8.34 -22.14 -10.01
N THR A 595 7.40 -23.05 -9.75
CA THR A 595 7.23 -23.65 -8.42
C THR A 595 8.42 -24.54 -8.02
N HIS A 596 9.12 -25.06 -9.03
CA HIS A 596 10.27 -25.94 -8.79
C HIS A 596 11.51 -25.15 -8.40
N TYR A 597 11.67 -23.95 -8.95
CA TYR A 597 12.81 -23.09 -8.60
C TYR A 597 12.74 -22.64 -7.13
N TYR A 598 11.53 -22.44 -6.63
CA TYR A 598 11.33 -22.01 -5.24
C TYR A 598 11.33 -23.18 -4.26
N LEU A 599 11.10 -24.40 -4.74
CA LEU A 599 11.05 -25.58 -3.88
C LEU A 599 12.39 -26.32 -3.83
N THR A 600 12.74 -26.99 -4.92
CA THR A 600 13.97 -27.81 -4.97
C THR A 600 15.26 -26.99 -5.02
N LYS A 601 15.24 -25.86 -5.71
CA LYS A 601 16.43 -25.00 -5.86
C LYS A 601 16.48 -23.87 -4.84
N GLU A 602 15.54 -23.84 -3.90
CA GLU A 602 15.49 -22.80 -2.88
C GLU A 602 14.75 -23.30 -1.63
N LYS A 603 15.26 -24.38 -1.05
CA LYS A 603 14.63 -25.02 0.11
C LYS A 603 14.81 -24.21 1.38
N ASN A 604 15.98 -23.59 1.52
CA ASN A 604 16.35 -22.86 2.73
C ASN A 604 15.59 -21.53 2.90
N ASN A 605 15.21 -20.91 1.79
CA ASN A 605 14.62 -19.57 1.82
C ASN A 605 13.10 -19.53 1.60
N VAL A 606 12.50 -20.61 1.12
CA VAL A 606 11.07 -20.65 0.83
C VAL A 606 10.37 -21.70 1.69
N GLU A 607 9.34 -21.26 2.42
CA GLU A 607 8.52 -22.16 3.22
C GLU A 607 7.44 -22.82 2.36
N SER A 608 6.74 -22.02 1.57
CA SER A 608 5.64 -22.53 0.74
C SER A 608 5.40 -21.71 -0.54
N VAL A 609 4.52 -22.21 -1.39
CA VAL A 609 4.09 -21.52 -2.62
C VAL A 609 2.58 -21.70 -2.85
N PHE A 610 1.98 -20.77 -3.58
CA PHE A 610 0.54 -20.81 -3.86
C PHE A 610 0.24 -20.39 -5.30
N ALA A 611 0.51 -21.30 -6.24
CA ALA A 611 0.31 -21.04 -7.67
C ALA A 611 -1.16 -20.89 -8.04
N VAL A 612 -1.41 -20.22 -9.17
CA VAL A 612 -2.76 -20.01 -9.69
C VAL A 612 -2.75 -20.03 -11.22
N ASN A 613 -3.71 -20.74 -11.81
CA ASN A 613 -3.75 -20.95 -13.25
C ASN A 613 -4.81 -20.09 -13.95
N GLY A 614 -4.39 -18.92 -14.44
CA GLY A 614 -5.24 -18.06 -15.25
C GLY A 614 -5.76 -16.84 -14.52
N PHE A 615 -4.92 -16.23 -13.70
CA PHE A 615 -5.27 -15.01 -12.98
C PHE A 615 -3.99 -14.26 -12.57
N GLY A 616 -3.55 -13.35 -13.43
CA GLY A 616 -2.45 -12.46 -13.12
C GLY A 616 -2.99 -11.17 -12.55
N PHE A 617 -2.11 -10.29 -12.09
CA PHE A 617 -2.53 -9.01 -11.52
C PHE A 617 -2.77 -7.95 -12.60
N ALA A 618 -2.52 -8.29 -13.86
CA ALA A 618 -2.91 -7.45 -14.99
C ALA A 618 -4.43 -7.49 -15.14
N GLY A 619 -4.96 -8.70 -15.33
CA GLY A 619 -6.39 -8.89 -15.48
C GLY A 619 -6.81 -10.34 -15.35
N ARG A 620 -7.23 -10.94 -16.46
CA ARG A 620 -7.72 -12.32 -16.48
C ARG A 620 -7.53 -13.00 -17.84
N GLY A 621 -7.76 -14.31 -17.87
CA GLY A 621 -7.60 -15.11 -19.07
C GLY A 621 -6.81 -16.38 -18.83
N GLN A 622 -6.79 -17.27 -19.81
CA GLN A 622 -6.10 -18.56 -19.70
C GLN A 622 -4.58 -18.45 -19.87
N ASN A 623 -4.10 -17.28 -20.33
CA ASN A 623 -2.68 -17.06 -20.54
C ASN A 623 -1.93 -16.69 -19.25
N THR A 624 -2.60 -15.94 -18.38
CA THR A 624 -1.97 -15.34 -17.19
C THR A 624 -1.77 -16.33 -16.04
N GLY A 625 -1.19 -15.84 -14.94
CA GLY A 625 -0.98 -16.65 -13.75
C GLY A 625 -0.27 -15.89 -12.63
N ILE A 626 -0.27 -16.46 -11.42
CA ILE A 626 0.43 -15.85 -10.27
C ILE A 626 0.68 -16.85 -9.13
N ALA A 627 1.93 -16.92 -8.69
CA ALA A 627 2.31 -17.69 -7.51
C ALA A 627 2.61 -16.74 -6.35
N PHE A 628 2.07 -17.06 -5.17
CA PHE A 628 2.28 -16.24 -3.97
C PHE A 628 3.27 -16.94 -3.04
N VAL A 629 4.49 -16.43 -3.01
CA VAL A 629 5.55 -16.98 -2.16
C VAL A 629 5.40 -16.48 -0.72
N SER A 630 5.60 -17.39 0.22
CA SER A 630 5.67 -17.07 1.65
C SER A 630 7.03 -17.52 2.16
N LEU A 631 7.95 -16.58 2.31
CA LEU A 631 9.32 -16.88 2.72
C LEU A 631 9.40 -17.36 4.17
N LYS A 632 10.46 -18.10 4.48
CA LYS A 632 10.72 -18.54 5.86
C LYS A 632 11.02 -17.34 6.76
N ASP A 633 10.99 -17.57 8.07
CA ASP A 633 11.21 -16.51 9.06
C ASP A 633 12.60 -15.85 8.92
N TRP A 634 12.75 -14.69 9.55
CA TRP A 634 13.93 -13.84 9.38
C TRP A 634 15.19 -14.46 10.00
N ALA A 635 15.01 -15.27 11.04
CA ALA A 635 16.12 -15.89 11.76
C ALA A 635 16.85 -16.94 10.92
N ASP A 636 16.09 -17.74 10.18
CA ASP A 636 16.65 -18.81 9.35
C ASP A 636 17.25 -18.32 8.03
N ARG A 637 17.04 -17.04 7.71
CA ARG A 637 17.66 -16.41 6.55
C ARG A 637 18.69 -15.38 7.01
N PRO A 638 19.97 -15.78 7.09
CA PRO A 638 21.00 -14.92 7.66
C PRO A 638 21.53 -13.81 6.73
N GLY A 639 22.05 -14.19 5.57
CA GLY A 639 22.80 -13.26 4.73
C GLY A 639 21.94 -12.43 3.78
N GLU A 640 22.62 -11.60 2.99
CA GLU A 640 21.96 -10.76 1.98
C GLU A 640 21.59 -11.58 0.74
N GLU A 641 22.18 -12.76 0.60
CA GLU A 641 21.82 -13.69 -0.48
C GLU A 641 20.41 -14.23 -0.26
N ASN A 642 20.04 -14.45 1.00
CA ASN A 642 18.72 -14.96 1.37
C ASN A 642 17.75 -13.83 1.75
N LYS A 643 17.79 -12.75 0.98
CA LYS A 643 16.93 -11.58 1.16
C LYS A 643 16.21 -11.31 -0.17
N VAL A 644 14.99 -10.78 -0.09
CA VAL A 644 14.11 -10.61 -1.27
C VAL A 644 14.81 -10.04 -2.53
N GLU A 645 15.73 -9.10 -2.34
CA GLU A 645 16.44 -8.49 -3.46
C GLU A 645 17.24 -9.52 -4.26
N ALA A 646 18.06 -10.30 -3.55
CA ALA A 646 18.90 -11.33 -4.18
C ALA A 646 18.10 -12.55 -4.68
N ILE A 647 16.98 -12.84 -4.04
CA ILE A 647 16.16 -14.01 -4.39
C ILE A 647 15.42 -13.78 -5.71
N THR A 648 14.87 -12.59 -5.88
CA THR A 648 14.16 -12.21 -7.10
C THR A 648 15.12 -11.83 -8.24
N MET A 649 16.40 -11.67 -7.92
CA MET A 649 17.42 -11.35 -8.92
C MET A 649 17.75 -12.58 -9.76
N ARG A 650 18.13 -13.66 -9.09
CA ARG A 650 18.49 -14.92 -9.76
C ARG A 650 17.26 -15.75 -10.16
N ALA A 651 16.08 -15.35 -9.67
CA ALA A 651 14.83 -15.99 -10.07
C ALA A 651 14.41 -15.54 -11.47
N THR A 652 14.51 -14.23 -11.72
CA THR A 652 14.20 -13.66 -13.03
C THR A 652 15.18 -14.11 -14.11
N ARG A 653 16.43 -14.35 -13.72
CA ARG A 653 17.45 -14.86 -14.63
C ARG A 653 17.15 -16.30 -15.05
N ALA A 654 16.63 -17.09 -14.10
CA ALA A 654 16.30 -18.49 -14.36
C ALA A 654 15.07 -18.65 -15.26
N PHE A 655 14.17 -17.67 -15.23
CA PHE A 655 12.94 -17.70 -16.03
C PHE A 655 13.14 -17.10 -17.42
N SER A 656 14.23 -16.38 -17.61
CA SER A 656 14.58 -15.81 -18.92
C SER A 656 15.56 -16.71 -19.68
N GLN A 657 16.13 -17.70 -18.99
CA GLN A 657 17.14 -18.59 -19.57
C GLN A 657 16.50 -19.88 -20.08
N ILE A 658 15.85 -20.62 -19.18
CA ILE A 658 15.27 -21.92 -19.50
C ILE A 658 13.74 -21.87 -19.60
N LYS A 659 13.24 -20.91 -20.37
CA LYS A 659 11.81 -20.75 -20.61
C LYS A 659 11.52 -20.03 -21.92
N ASP A 660 10.33 -20.27 -22.47
CA ASP A 660 9.91 -19.68 -23.74
C ASP A 660 8.62 -18.86 -23.58
N ALA A 661 8.54 -18.11 -22.48
CA ALA A 661 7.39 -17.25 -22.20
C ALA A 661 7.83 -15.96 -21.49
N MET A 662 6.87 -15.26 -20.88
CA MET A 662 7.15 -14.01 -20.17
C MET A 662 6.85 -14.20 -18.67
N VAL A 663 7.85 -14.71 -17.95
CA VAL A 663 7.77 -14.86 -16.50
C VAL A 663 8.76 -13.90 -15.84
N PHE A 664 8.33 -13.31 -14.72
CA PHE A 664 9.11 -12.28 -14.04
C PHE A 664 9.13 -12.54 -12.53
N ALA A 665 9.12 -11.47 -11.72
CA ALA A 665 9.20 -11.54 -10.27
C ALA A 665 9.53 -10.14 -9.75
N PHE A 666 8.63 -9.57 -8.97
CA PHE A 666 8.76 -8.19 -8.50
C PHE A 666 8.82 -8.13 -6.97
N ASN A 667 9.35 -7.02 -6.46
CA ASN A 667 9.47 -6.82 -5.02
C ASN A 667 8.11 -6.55 -4.39
N LEU A 668 8.06 -6.56 -3.07
CA LEU A 668 6.85 -6.19 -2.33
C LEU A 668 7.07 -4.77 -1.80
N PRO A 669 6.62 -3.76 -2.56
CA PRO A 669 7.00 -2.37 -2.29
C PRO A 669 6.48 -1.78 -0.98
N ALA A 670 5.34 -2.30 -0.50
CA ALA A 670 4.53 -1.61 0.51
C ALA A 670 3.87 -0.42 -0.20
N ILE A 671 3.84 0.76 0.42
CA ILE A 671 3.39 1.97 -0.27
C ILE A 671 2.04 1.68 -0.95
N VAL A 672 1.93 2.00 -2.24
CA VAL A 672 0.82 1.53 -3.08
C VAL A 672 1.45 1.06 -4.42
N GLU A 673 0.70 1.14 -5.52
CA GLU A 673 1.28 0.91 -6.85
C GLU A 673 2.02 2.15 -7.35
N LEU A 674 1.63 3.33 -6.87
CA LEU A 674 2.26 4.59 -7.27
C LEU A 674 3.56 4.84 -6.50
N GLY A 675 4.27 5.89 -6.90
CA GLY A 675 5.47 6.32 -6.20
C GLY A 675 6.65 5.39 -6.43
N THR A 676 6.90 5.08 -7.68
CA THR A 676 8.03 4.21 -8.04
C THR A 676 9.34 4.99 -8.01
N ALA A 677 9.26 6.30 -8.24
CA ALA A 677 10.42 7.19 -8.28
C ALA A 677 11.26 6.93 -9.54
N THR A 678 11.48 7.99 -10.33
CA THR A 678 12.04 7.86 -11.68
C THR A 678 11.18 6.90 -12.50
N GLY A 679 9.88 7.20 -12.54
CA GLY A 679 8.90 6.37 -13.22
C GLY A 679 7.57 7.09 -13.41
N PHE A 680 6.95 6.88 -14.58
CA PHE A 680 5.70 7.56 -14.92
C PHE A 680 4.62 6.57 -15.38
N ASP A 681 3.45 7.12 -15.71
CA ASP A 681 2.36 6.35 -16.31
C ASP A 681 1.58 7.23 -17.28
N PHE A 682 1.84 7.03 -18.57
CA PHE A 682 1.18 7.78 -19.65
C PHE A 682 -0.09 7.07 -20.09
N GLU A 683 -0.95 7.80 -20.79
CA GLU A 683 -2.13 7.20 -21.44
C GLU A 683 -2.48 7.96 -22.72
N LEU A 684 -2.81 7.21 -23.77
CA LEU A 684 -3.02 7.77 -25.11
C LEU A 684 -4.52 7.72 -25.44
N ILE A 685 -5.13 8.90 -25.59
CA ILE A 685 -6.57 9.03 -25.78
C ILE A 685 -6.91 9.27 -27.25
N ASP A 686 -8.03 8.70 -27.69
CA ASP A 686 -8.65 9.02 -28.97
C ASP A 686 -9.77 10.02 -28.70
N GLN A 687 -9.51 11.29 -29.03
CA GLN A 687 -10.46 12.37 -28.78
C GLN A 687 -11.50 12.45 -29.89
N ALA A 688 -11.05 12.33 -31.13
CA ALA A 688 -11.93 12.37 -32.30
C ALA A 688 -12.67 11.05 -32.51
N GLY A 689 -13.30 10.89 -33.67
CA GLY A 689 -14.08 9.70 -33.98
C GLY A 689 -13.33 8.64 -34.75
N LEU A 690 -12.15 8.25 -34.26
CA LEU A 690 -11.40 7.14 -34.84
C LEU A 690 -11.79 5.85 -34.14
N GLY A 691 -11.39 4.71 -34.72
CA GLY A 691 -11.73 3.41 -34.18
C GLY A 691 -10.59 2.80 -33.37
N HIS A 692 -10.67 1.49 -33.16
CA HIS A 692 -9.65 0.74 -32.45
C HIS A 692 -8.42 0.54 -33.33
N GLU A 693 -8.64 0.23 -34.60
CA GLU A 693 -7.55 0.02 -35.56
C GLU A 693 -6.69 1.27 -35.78
N LYS A 694 -7.29 2.45 -35.64
CA LYS A 694 -6.58 3.71 -35.81
C LYS A 694 -5.82 4.11 -34.54
N LEU A 695 -6.34 3.70 -33.38
CA LEU A 695 -5.68 3.96 -32.10
C LEU A 695 -4.46 3.05 -31.90
N THR A 696 -4.48 1.89 -32.55
CA THR A 696 -3.38 0.92 -32.47
C THR A 696 -2.14 1.44 -33.19
N GLN A 697 -2.34 2.06 -34.36
CA GLN A 697 -1.25 2.62 -35.15
C GLN A 697 -0.62 3.84 -34.49
N ALA A 698 -1.44 4.62 -33.78
CA ALA A 698 -0.96 5.81 -33.07
C ALA A 698 -0.08 5.46 -31.87
N ARG A 699 -0.38 4.32 -31.23
CA ARG A 699 0.37 3.85 -30.06
C ARG A 699 1.71 3.24 -30.48
N ASN A 700 1.74 2.62 -31.65
CA ASN A 700 2.97 2.03 -32.19
C ASN A 700 3.95 3.09 -32.67
N GLN A 701 3.44 4.27 -33.01
CA GLN A 701 4.27 5.40 -33.44
C GLN A 701 4.81 6.18 -32.24
N LEU A 702 4.13 6.07 -31.10
CA LEU A 702 4.59 6.71 -29.86
C LEU A 702 5.69 5.89 -29.19
N LEU A 703 5.55 4.58 -29.20
CA LEU A 703 6.53 3.67 -28.61
C LEU A 703 7.82 3.61 -29.44
N ALA A 704 7.66 3.73 -30.76
CA ALA A 704 8.79 3.65 -31.68
C ALA A 704 9.63 4.93 -31.68
N GLU A 705 8.96 6.08 -31.59
CA GLU A 705 9.64 7.38 -31.57
C GLU A 705 10.47 7.59 -30.31
N ALA A 706 10.00 7.03 -29.19
CA ALA A 706 10.74 7.10 -27.93
C ALA A 706 12.00 6.23 -27.97
N ALA A 707 11.92 5.09 -28.65
CA ALA A 707 13.02 4.14 -28.72
C ALA A 707 13.97 4.38 -29.91
N LYS A 708 13.69 5.38 -30.74
CA LYS A 708 14.51 5.63 -31.94
C LYS A 708 15.37 6.90 -31.90
N HIS A 709 15.04 7.86 -31.04
CA HIS A 709 15.93 9.01 -30.80
C HIS A 709 16.25 9.36 -29.33
N PRO A 710 16.48 8.35 -28.48
CA PRO A 710 17.04 8.59 -27.14
C PRO A 710 18.58 8.57 -27.18
N ASP A 711 19.31 9.49 -26.51
CA ASP A 711 18.80 10.59 -25.68
C ASP A 711 18.73 10.56 -24.16
N MET A 712 19.81 10.21 -23.48
CA MET A 712 19.76 9.88 -22.05
C MET A 712 18.55 8.97 -21.87
N LEU A 713 18.70 7.75 -22.37
CA LEU A 713 17.60 6.95 -22.94
C LEU A 713 16.33 6.69 -22.08
N THR A 714 15.68 5.54 -22.26
CA THR A 714 14.34 5.29 -21.73
C THR A 714 13.98 3.80 -21.71
N SER A 715 12.76 3.51 -21.28
CA SER A 715 12.21 2.15 -21.35
C SER A 715 10.68 2.22 -21.47
N VAL A 716 10.15 1.79 -22.62
CA VAL A 716 8.72 1.95 -22.91
C VAL A 716 8.09 0.70 -23.54
N ARG A 717 7.04 0.19 -22.89
CA ARG A 717 6.26 -0.93 -23.41
C ARG A 717 4.78 -0.79 -23.05
N PRO A 718 3.89 -1.42 -23.82
CA PRO A 718 2.44 -1.37 -23.55
C PRO A 718 2.03 -2.18 -22.32
N ASN A 719 0.84 -1.89 -21.79
CA ASN A 719 0.34 -2.52 -20.57
C ASN A 719 -0.25 -3.91 -20.79
N GLY A 720 -0.87 -4.13 -21.94
CA GLY A 720 -1.44 -5.43 -22.26
C GLY A 720 -2.44 -5.41 -23.40
N LEU A 721 -1.95 -5.09 -24.59
CA LEU A 721 -2.76 -5.08 -25.82
C LEU A 721 -2.05 -5.91 -26.89
N GLU A 722 -1.76 -7.18 -26.55
CA GLU A 722 -0.96 -8.04 -27.41
C GLU A 722 -1.62 -8.41 -28.74
N ASP A 723 -2.95 -8.31 -28.79
CA ASP A 723 -3.72 -8.45 -30.05
C ASP A 723 -3.74 -9.89 -30.57
N THR A 724 -4.85 -10.59 -30.33
CA THR A 724 -5.01 -11.98 -30.76
C THR A 724 -6.22 -12.14 -31.71
N PRO A 725 -6.24 -13.21 -32.50
CA PRO A 725 -7.35 -13.43 -33.44
C PRO A 725 -8.68 -13.78 -32.75
N GLN A 726 -9.79 -13.56 -33.47
CA GLN A 726 -11.12 -13.87 -32.96
C GLN A 726 -11.99 -14.51 -34.05
N PHE A 727 -12.63 -15.63 -33.72
CA PHE A 727 -13.42 -16.39 -34.69
C PHE A 727 -14.82 -15.78 -34.86
N LYS A 728 -15.01 -15.08 -35.98
CA LYS A 728 -16.30 -14.48 -36.32
C LYS A 728 -17.15 -15.48 -37.12
N ILE A 729 -18.47 -15.46 -36.86
CA ILE A 729 -19.42 -16.31 -37.56
C ILE A 729 -20.55 -15.46 -38.15
N ASP A 730 -20.42 -15.15 -39.44
CA ASP A 730 -21.45 -14.38 -40.15
C ASP A 730 -22.67 -15.23 -40.47
N ILE A 731 -23.77 -14.96 -39.76
CA ILE A 731 -25.03 -15.64 -39.99
C ILE A 731 -25.87 -14.83 -40.98
N ASP A 732 -26.03 -15.37 -42.19
CA ASP A 732 -26.84 -14.72 -43.22
C ASP A 732 -28.32 -14.81 -42.85
N GLN A 733 -28.97 -13.66 -42.72
CA GLN A 733 -30.34 -13.59 -42.21
C GLN A 733 -31.38 -14.11 -43.21
N GLU A 734 -31.20 -13.79 -44.49
CA GLU A 734 -32.13 -14.21 -45.53
C GLU A 734 -32.10 -15.72 -45.78
N LYS A 735 -30.93 -16.34 -45.57
CA LYS A 735 -30.80 -17.79 -45.69
C LYS A 735 -31.54 -18.52 -44.57
N ALA A 736 -31.51 -17.94 -43.37
CA ALA A 736 -32.12 -18.56 -42.20
C ALA A 736 -33.65 -18.65 -42.31
N GLN A 737 -34.28 -17.51 -42.62
CA GLN A 737 -35.74 -17.44 -42.67
C GLN A 737 -36.36 -18.25 -43.82
N ALA A 738 -35.57 -18.52 -44.86
CA ALA A 738 -36.02 -19.32 -46.00
C ALA A 738 -36.33 -20.76 -45.60
N LEU A 739 -35.43 -21.35 -44.80
CA LEU A 739 -35.59 -22.74 -44.36
C LEU A 739 -36.58 -22.84 -43.19
N GLY A 740 -36.79 -21.74 -42.49
CA GLY A 740 -37.77 -21.64 -41.42
C GLY A 740 -37.20 -21.80 -40.03
N VAL A 741 -36.09 -21.12 -39.74
CA VAL A 741 -35.50 -21.11 -38.41
C VAL A 741 -35.52 -19.71 -37.81
N SER A 742 -35.93 -19.61 -36.55
CA SER A 742 -36.01 -18.33 -35.85
C SER A 742 -34.60 -17.85 -35.50
N ILE A 743 -34.41 -16.53 -35.55
CA ILE A 743 -33.12 -15.92 -35.19
C ILE A 743 -32.90 -15.97 -33.68
N ASN A 744 -34.00 -15.99 -32.92
CA ASN A 744 -33.92 -16.13 -31.46
C ASN A 744 -33.35 -17.48 -31.06
N ASP A 745 -33.87 -18.55 -31.67
CA ASP A 745 -33.43 -19.92 -31.38
C ASP A 745 -31.95 -20.15 -31.70
N ILE A 746 -31.48 -19.53 -32.78
CA ILE A 746 -30.08 -19.69 -33.22
C ILE A 746 -29.10 -18.97 -32.29
N ASN A 747 -29.52 -17.85 -31.71
CA ASN A 747 -28.64 -17.05 -30.84
C ASN A 747 -28.41 -17.66 -29.46
N THR A 748 -29.36 -18.46 -28.98
CA THR A 748 -29.21 -19.17 -27.70
C THR A 748 -28.81 -20.63 -27.90
N THR A 749 -28.63 -21.04 -29.14
CA THR A 749 -28.02 -22.34 -29.47
C THR A 749 -26.50 -22.18 -29.48
N LEU A 750 -26.03 -21.07 -30.05
CA LEU A 750 -24.61 -20.75 -30.10
C LEU A 750 -24.11 -20.17 -28.78
N GLY A 751 -24.98 -19.40 -28.12
CA GLY A 751 -24.62 -18.72 -26.88
C GLY A 751 -24.58 -19.64 -25.67
N ALA A 752 -25.58 -20.52 -25.57
CA ALA A 752 -25.67 -21.45 -24.44
C ALA A 752 -24.68 -22.61 -24.57
N ALA A 753 -24.43 -23.06 -25.79
CA ALA A 753 -23.57 -24.23 -26.03
C ALA A 753 -22.08 -23.94 -25.79
N TRP A 754 -21.59 -22.85 -26.37
CA TRP A 754 -20.17 -22.52 -26.33
C TRP A 754 -19.81 -21.66 -25.13
N GLY A 755 -20.57 -20.57 -24.93
CA GLY A 755 -20.32 -19.64 -23.86
C GLY A 755 -20.94 -19.99 -22.51
N GLY A 756 -21.99 -20.82 -22.54
CA GLY A 756 -22.73 -21.15 -21.33
C GLY A 756 -23.94 -20.24 -21.15
N SER A 757 -24.80 -20.57 -20.19
CA SER A 757 -26.01 -19.79 -19.94
C SER A 757 -26.58 -20.01 -18.54
N TYR A 758 -26.88 -18.90 -17.86
CA TYR A 758 -27.53 -18.93 -16.54
C TYR A 758 -29.01 -19.23 -16.73
N VAL A 759 -29.45 -20.37 -16.21
CA VAL A 759 -30.82 -20.85 -16.41
C VAL A 759 -31.72 -20.55 -15.20
N ASN A 760 -31.41 -21.17 -14.06
CA ASN A 760 -32.26 -21.08 -12.87
C ASN A 760 -31.53 -21.46 -11.58
N ASP A 761 -32.08 -21.06 -10.43
CA ASP A 761 -31.51 -21.40 -9.13
C ASP A 761 -32.09 -22.70 -8.59
N PHE A 762 -31.22 -23.56 -8.08
CA PHE A 762 -31.63 -24.82 -7.42
C PHE A 762 -31.03 -24.87 -6.00
N ILE A 763 -31.34 -25.94 -5.28
CA ILE A 763 -30.84 -26.11 -3.91
C ILE A 763 -29.89 -27.33 -3.83
N ASP A 764 -28.81 -27.17 -3.08
CA ASP A 764 -27.84 -28.24 -2.87
C ASP A 764 -27.34 -28.24 -1.42
N ARG A 765 -27.84 -29.19 -0.64
CA ARG A 765 -27.41 -29.38 0.75
C ARG A 765 -27.74 -28.18 1.65
N GLY A 766 -28.83 -27.48 1.32
CA GLY A 766 -29.30 -26.34 2.11
C GLY A 766 -29.05 -24.99 1.45
N ARG A 767 -27.88 -24.82 0.86
CA ARG A 767 -27.47 -23.53 0.30
C ARG A 767 -27.87 -23.40 -1.18
N VAL A 768 -28.58 -22.33 -1.51
CA VAL A 768 -29.02 -22.07 -2.89
C VAL A 768 -27.84 -21.69 -3.78
N LYS A 769 -27.65 -22.46 -4.86
CA LYS A 769 -26.58 -22.24 -5.82
C LYS A 769 -27.16 -22.03 -7.23
N LYS A 770 -26.29 -22.01 -8.24
CA LYS A 770 -26.71 -21.76 -9.62
C LYS A 770 -26.76 -23.04 -10.45
N VAL A 771 -27.43 -22.96 -11.60
CA VAL A 771 -27.48 -24.06 -12.58
C VAL A 771 -27.01 -23.53 -13.92
N TYR A 772 -26.02 -24.19 -14.51
CA TYR A 772 -25.45 -23.79 -15.80
C TYR A 772 -25.59 -24.89 -16.84
N VAL A 773 -25.85 -24.49 -18.08
CA VAL A 773 -25.98 -25.41 -19.21
C VAL A 773 -25.01 -24.99 -20.30
N MET A 774 -24.17 -25.93 -20.75
CA MET A 774 -23.16 -25.63 -21.77
C MET A 774 -23.00 -26.79 -22.77
N SER A 775 -22.00 -27.66 -22.57
CA SER A 775 -21.74 -28.78 -23.48
C SER A 775 -20.45 -29.52 -23.11
N GLU A 776 -20.39 -30.80 -23.45
CA GLU A 776 -19.18 -31.59 -23.25
C GLU A 776 -18.01 -30.92 -23.99
N ALA A 777 -16.82 -31.01 -23.40
CA ALA A 777 -15.66 -30.25 -23.87
C ALA A 777 -15.27 -30.55 -25.32
N LYS A 778 -15.39 -31.80 -25.74
CA LYS A 778 -14.91 -32.23 -27.05
C LYS A 778 -15.71 -31.70 -28.26
N TYR A 779 -16.94 -31.27 -28.03
CA TYR A 779 -17.79 -30.73 -29.09
C TYR A 779 -17.71 -29.20 -29.23
N ARG A 780 -16.68 -28.59 -28.66
CA ARG A 780 -16.50 -27.14 -28.74
C ARG A 780 -15.06 -26.70 -28.49
N MET A 781 -14.14 -27.32 -29.23
CA MET A 781 -12.72 -26.98 -29.16
C MET A 781 -12.25 -26.26 -30.43
N LEU A 782 -12.54 -26.86 -31.58
CA LEU A 782 -12.03 -26.40 -32.87
C LEU A 782 -13.15 -25.74 -33.68
N PRO A 783 -12.80 -25.08 -34.79
CA PRO A 783 -13.80 -24.44 -35.66
C PRO A 783 -14.72 -25.43 -36.40
N ASP A 784 -14.27 -26.67 -36.59
CA ASP A 784 -15.04 -27.66 -37.34
C ASP A 784 -16.25 -28.23 -36.56
N ASP A 785 -16.29 -27.99 -35.26
CA ASP A 785 -17.38 -28.49 -34.40
C ASP A 785 -18.61 -27.56 -34.40
N ILE A 786 -18.60 -26.53 -35.23
CA ILE A 786 -19.75 -25.62 -35.36
C ILE A 786 -20.92 -26.33 -36.04
N GLY A 787 -20.62 -27.09 -37.10
CA GLY A 787 -21.64 -27.77 -37.88
C GLY A 787 -22.33 -28.95 -37.20
N ASP A 788 -21.76 -29.43 -36.10
CA ASP A 788 -22.34 -30.55 -35.35
C ASP A 788 -23.66 -30.18 -34.65
N TRP A 789 -23.86 -28.90 -34.38
CA TRP A 789 -25.08 -28.42 -33.73
C TRP A 789 -26.21 -28.23 -34.76
N TYR A 790 -27.35 -28.87 -34.51
CA TYR A 790 -28.50 -28.80 -35.41
C TYR A 790 -29.67 -28.05 -34.77
N VAL A 791 -30.03 -26.90 -35.35
CA VAL A 791 -31.15 -26.11 -34.88
C VAL A 791 -32.46 -26.61 -35.51
N ARG A 792 -33.55 -26.56 -34.74
CA ARG A 792 -34.85 -27.05 -35.20
C ARG A 792 -35.61 -25.95 -35.94
N ALA A 793 -36.25 -26.33 -37.04
CA ALA A 793 -37.07 -25.42 -37.84
C ALA A 793 -38.55 -25.64 -37.55
N ALA A 794 -39.40 -24.79 -38.13
CA ALA A 794 -40.86 -24.89 -37.95
C ALA A 794 -41.46 -26.07 -38.69
N ASP A 795 -40.77 -26.55 -39.74
CA ASP A 795 -41.24 -27.67 -40.54
C ASP A 795 -40.79 -29.05 -40.03
N GLY A 796 -40.44 -29.13 -38.75
CA GLY A 796 -40.15 -30.39 -38.08
C GLY A 796 -38.98 -31.18 -38.63
N GLN A 797 -37.93 -30.50 -39.08
CA GLN A 797 -36.69 -31.16 -39.50
C GLN A 797 -35.45 -30.38 -39.09
N MET A 798 -34.33 -31.09 -38.93
CA MET A 798 -33.09 -30.47 -38.45
C MET A 798 -32.37 -29.72 -39.56
N VAL A 799 -31.55 -28.75 -39.15
CA VAL A 799 -30.80 -27.90 -40.05
C VAL A 799 -29.42 -27.64 -39.45
N PRO A 800 -28.34 -28.00 -40.16
CA PRO A 800 -26.99 -27.83 -39.61
C PRO A 800 -26.57 -26.35 -39.56
N PHE A 801 -25.57 -26.05 -38.73
CA PHE A 801 -25.07 -24.68 -38.59
C PHE A 801 -24.31 -24.23 -39.84
N SER A 802 -23.70 -25.18 -40.54
CA SER A 802 -22.95 -24.89 -41.77
C SER A 802 -23.82 -24.39 -42.94
N ALA A 803 -25.12 -24.66 -42.87
CA ALA A 803 -26.06 -24.25 -43.92
C ALA A 803 -26.16 -22.74 -44.07
N PHE A 804 -26.43 -22.05 -42.96
CA PHE A 804 -26.65 -20.60 -42.98
C PHE A 804 -25.42 -19.77 -42.56
N SER A 805 -24.56 -20.35 -41.74
CA SER A 805 -23.39 -19.64 -41.20
C SER A 805 -22.24 -19.54 -42.21
N SER A 806 -21.20 -18.81 -41.83
CA SER A 806 -20.00 -18.64 -42.66
C SER A 806 -18.76 -18.47 -41.76
N SER A 807 -17.76 -19.31 -41.97
CA SER A 807 -16.58 -19.35 -41.11
C SER A 807 -15.43 -18.52 -41.67
N ARG A 808 -14.90 -17.60 -40.84
CA ARG A 808 -13.76 -16.77 -41.21
C ARG A 808 -13.11 -16.10 -39.99
N TRP A 809 -11.79 -16.08 -39.96
CA TRP A 809 -11.04 -15.49 -38.84
C TRP A 809 -10.96 -13.97 -38.96
N GLU A 810 -10.55 -13.33 -37.86
CA GLU A 810 -10.42 -11.87 -37.79
C GLU A 810 -9.27 -11.46 -36.86
N TYR A 811 -9.18 -10.17 -36.55
CA TYR A 811 -8.19 -9.65 -35.61
C TYR A 811 -8.80 -8.62 -34.68
N GLY A 812 -8.97 -8.99 -33.40
CA GLY A 812 -9.46 -8.10 -32.37
C GLY A 812 -8.46 -7.97 -31.23
N SER A 813 -8.92 -7.43 -30.11
CA SER A 813 -8.09 -7.26 -28.92
C SER A 813 -8.77 -7.87 -27.69
N PRO A 814 -8.01 -8.60 -26.87
CA PRO A 814 -8.56 -9.24 -25.67
C PRO A 814 -8.68 -8.32 -24.44
N ARG A 815 -8.33 -7.04 -24.58
CA ARG A 815 -8.43 -6.10 -23.47
C ARG A 815 -8.61 -4.66 -23.98
N LEU A 816 -9.87 -4.24 -24.09
CA LEU A 816 -10.22 -2.88 -24.52
C LEU A 816 -10.31 -1.96 -23.30
N GLU A 817 -9.32 -1.07 -23.16
CA GLU A 817 -9.30 -0.10 -22.07
C GLU A 817 -9.98 1.20 -22.51
N ARG A 818 -10.61 1.90 -21.57
CA ARG A 818 -11.24 3.20 -21.85
C ARG A 818 -10.95 4.20 -20.72
N TYR A 819 -10.59 5.43 -21.09
CA TYR A 819 -10.36 6.49 -20.12
C TYR A 819 -11.33 7.67 -20.31
N ASN A 820 -12.24 7.83 -19.36
CA ASN A 820 -13.13 8.99 -19.27
C ASN A 820 -14.11 9.10 -20.45
N GLY A 821 -14.85 8.03 -20.68
CA GLY A 821 -15.89 8.00 -21.71
C GLY A 821 -15.40 7.82 -23.14
N LEU A 822 -14.08 7.75 -23.32
CA LEU A 822 -13.48 7.58 -24.65
C LEU A 822 -12.53 6.38 -24.65
N PRO A 823 -12.29 5.79 -25.82
CA PRO A 823 -11.31 4.68 -25.93
C PRO A 823 -9.88 5.15 -25.65
N SER A 824 -9.05 4.24 -25.13
CA SER A 824 -7.68 4.59 -24.73
C SER A 824 -6.78 3.35 -24.59
N MET A 825 -5.47 3.59 -24.49
CA MET A 825 -4.48 2.52 -24.36
C MET A 825 -3.34 2.94 -23.43
N GLU A 826 -3.18 2.23 -22.32
CA GLU A 826 -2.16 2.56 -21.31
C GLU A 826 -0.75 2.26 -21.81
N ILE A 827 0.16 3.21 -21.57
CA ILE A 827 1.57 3.08 -21.92
C ILE A 827 2.39 3.10 -20.64
N LEU A 828 2.91 1.94 -20.23
CA LEU A 828 3.73 1.83 -19.03
C LEU A 828 5.21 2.02 -19.33
N GLY A 829 5.68 3.26 -19.22
CA GLY A 829 7.10 3.59 -19.37
C GLY A 829 7.66 4.25 -18.13
N GLN A 830 8.98 4.16 -17.96
CA GLN A 830 9.66 4.75 -16.81
C GLN A 830 10.71 5.77 -17.25
N ALA A 831 11.19 6.55 -16.29
CA ALA A 831 12.25 7.52 -16.54
C ALA A 831 13.60 6.83 -16.76
N ALA A 832 14.56 7.58 -17.25
CA ALA A 832 15.90 7.05 -17.55
C ALA A 832 16.71 6.86 -16.27
N PRO A 833 17.85 6.18 -16.38
CA PRO A 833 18.81 6.12 -15.26
C PRO A 833 19.45 7.49 -14.97
N GLY A 834 19.56 8.33 -16.00
CA GLY A 834 20.10 9.68 -15.85
C GLY A 834 19.04 10.70 -15.48
N LYS A 835 18.03 10.83 -16.35
CA LYS A 835 16.91 11.74 -16.12
C LYS A 835 16.02 11.24 -14.98
N SER A 836 15.06 12.06 -14.56
CA SER A 836 14.21 11.73 -13.41
C SER A 836 12.86 12.46 -13.42
N THR A 837 11.83 11.77 -13.93
CA THR A 837 10.42 12.17 -13.81
C THR A 837 10.06 13.46 -14.56
N GLY A 838 10.38 14.62 -13.99
CA GLY A 838 10.06 15.90 -14.61
C GLY A 838 10.61 16.08 -16.02
N GLU A 839 11.82 15.56 -16.25
CA GLU A 839 12.45 15.64 -17.56
C GLU A 839 11.84 14.64 -18.55
N ALA A 840 11.56 13.43 -18.08
CA ALA A 840 11.06 12.36 -18.94
C ALA A 840 9.61 12.60 -19.44
N MET A 841 8.80 13.24 -18.60
CA MET A 841 7.38 13.44 -18.90
C MET A 841 7.17 14.53 -19.95
N GLU A 842 7.97 15.59 -19.88
CA GLU A 842 7.89 16.69 -20.85
C GLU A 842 8.55 16.33 -22.19
N LEU A 843 9.42 15.33 -22.17
CA LEU A 843 10.05 14.81 -23.41
C LEU A 843 9.27 13.63 -23.98
N MET A 844 8.14 13.29 -23.34
CA MET A 844 7.15 12.38 -23.90
C MET A 844 5.92 13.15 -24.39
N GLU A 845 5.79 14.41 -23.97
CA GLU A 845 4.64 15.24 -24.34
C GLU A 845 4.74 15.78 -25.77
N GLN A 846 5.95 16.14 -26.20
CA GLN A 846 6.16 16.64 -27.56
C GLN A 846 6.16 15.51 -28.61
N LEU A 847 6.25 14.27 -28.17
CA LEU A 847 6.08 13.12 -29.05
C LEU A 847 4.59 12.86 -29.30
N ALA A 848 3.77 13.14 -28.29
CA ALA A 848 2.32 12.98 -28.39
C ALA A 848 1.70 14.02 -29.32
N SER A 849 2.29 15.20 -29.38
CA SER A 849 1.80 16.28 -30.26
C SER A 849 2.14 16.04 -31.72
N LYS A 850 3.21 15.28 -31.98
CA LYS A 850 3.63 14.96 -33.34
C LYS A 850 2.79 13.83 -33.98
N LEU A 851 1.96 13.17 -33.18
CA LEU A 851 1.09 12.10 -33.68
C LEU A 851 -0.03 12.65 -34.57
N PRO A 852 -0.70 11.80 -35.34
CA PRO A 852 -1.76 12.23 -36.28
C PRO A 852 -2.97 12.93 -35.63
N THR A 853 -3.91 13.35 -36.47
CA THR A 853 -5.09 14.10 -36.00
C THR A 853 -6.05 13.21 -35.23
N GLY A 854 -6.74 13.81 -34.26
CA GLY A 854 -7.68 13.09 -33.41
C GLY A 854 -6.99 12.20 -32.41
N VAL A 855 -5.85 12.65 -31.89
CA VAL A 855 -5.06 11.90 -30.92
C VAL A 855 -4.46 12.86 -29.88
N GLY A 856 -5.13 12.95 -28.73
CA GLY A 856 -4.65 13.73 -27.60
C GLY A 856 -4.01 12.84 -26.55
N TYR A 857 -3.93 13.33 -25.32
CA TYR A 857 -3.38 12.55 -24.21
C TYR A 857 -3.78 13.07 -22.82
N ASP A 858 -3.57 12.21 -21.82
CA ASP A 858 -3.82 12.54 -20.42
C ASP A 858 -3.03 11.59 -19.50
N TRP A 859 -2.48 12.12 -18.42
CA TRP A 859 -1.60 11.35 -17.54
C TRP A 859 -2.39 10.47 -16.56
N THR A 860 -2.44 9.18 -16.87
CA THR A 860 -3.18 8.19 -16.07
C THR A 860 -2.24 7.06 -15.63
N GLY A 861 -2.30 6.63 -14.36
CA GLY A 861 -3.23 7.17 -13.40
C GLY A 861 -3.02 6.77 -11.96
N MET A 862 -1.79 6.94 -11.47
CA MET A 862 -1.55 7.37 -10.12
C MET A 862 -0.85 8.62 -9.79
N SER A 863 -0.34 9.17 -10.91
CA SER A 863 0.82 10.05 -10.95
C SER A 863 0.41 11.31 -11.70
N TYR A 864 0.13 12.40 -10.99
CA TYR A 864 0.39 12.52 -9.55
C TYR A 864 -0.50 13.63 -8.98
N GLN A 865 0.11 14.77 -8.66
CA GLN A 865 -0.56 16.07 -8.59
C GLN A 865 0.48 17.12 -8.17
N GLU A 866 1.25 16.77 -7.14
CA GLU A 866 2.49 17.48 -6.80
C GLU A 866 3.34 16.63 -5.85
N ARG A 867 4.56 16.33 -6.27
CA ARG A 867 5.42 15.36 -5.56
C ARG A 867 6.06 15.95 -4.29
N LEU A 868 7.24 15.46 -3.91
CA LEU A 868 7.72 15.57 -2.53
C LEU A 868 9.11 16.20 -2.47
N SER A 869 10.08 15.58 -3.14
CA SER A 869 11.40 16.18 -3.32
C SER A 869 11.33 17.23 -4.42
N GLY A 870 10.31 17.13 -5.28
CA GLY A 870 10.02 18.14 -6.28
C GLY A 870 9.37 19.37 -5.66
N ASN A 871 8.43 19.97 -6.39
CA ASN A 871 7.79 21.24 -6.01
C ASN A 871 7.48 21.45 -4.51
N GLN A 872 7.06 20.39 -3.81
CA GLN A 872 6.63 20.50 -2.41
C GLN A 872 7.75 20.92 -1.45
N ALA A 873 8.87 20.22 -1.51
CA ALA A 873 9.97 20.43 -0.55
C ALA A 873 10.47 21.88 -0.47
N PRO A 874 10.74 22.52 -1.60
CA PRO A 874 11.05 23.97 -1.63
C PRO A 874 10.06 24.83 -0.84
N SER A 875 8.77 24.58 -0.99
CA SER A 875 7.74 25.32 -0.27
C SER A 875 7.68 25.01 1.24
N LEU A 876 8.02 23.79 1.62
CA LEU A 876 8.01 23.37 3.02
C LEU A 876 9.16 23.98 3.80
N TYR A 877 10.37 23.86 3.25
CA TYR A 877 11.57 24.46 3.82
C TYR A 877 11.54 25.99 3.77
N ALA A 878 10.79 26.55 2.82
CA ALA A 878 10.71 28.00 2.64
C ALA A 878 10.05 28.67 3.83
N ILE A 879 8.82 28.22 4.14
CA ILE A 879 8.07 28.74 5.29
C ILE A 879 8.75 28.36 6.61
N SER A 880 9.48 27.25 6.61
CA SER A 880 10.21 26.81 7.81
C SER A 880 11.27 27.82 8.25
N LEU A 881 11.89 28.50 7.28
CA LEU A 881 12.86 29.55 7.57
C LEU A 881 12.18 30.85 8.01
N ILE A 882 11.02 31.15 7.42
CA ILE A 882 10.31 32.40 7.69
C ILE A 882 9.87 32.49 9.16
N VAL A 883 9.36 31.39 9.69
CA VAL A 883 8.81 31.36 11.05
C VAL A 883 9.91 31.14 12.10
N VAL A 884 10.96 30.38 11.74
CA VAL A 884 12.11 30.17 12.64
C VAL A 884 12.79 31.49 12.99
N PHE A 885 12.85 32.39 12.01
CA PHE A 885 13.43 33.73 12.19
C PHE A 885 12.58 34.59 13.12
N LEU A 886 11.25 34.50 12.96
CA LEU A 886 10.31 35.26 13.78
C LEU A 886 10.29 34.80 15.24
N CYS A 887 10.43 33.49 15.45
CA CYS A 887 10.42 32.91 16.79
C CYS A 887 11.76 33.09 17.50
N LEU A 888 12.81 33.44 16.74
CA LEU A 888 14.10 33.82 17.31
C LEU A 888 14.17 35.34 17.39
N ALA A 889 13.16 35.93 18.01
CA ALA A 889 13.01 37.39 18.09
C ALA A 889 11.98 37.79 19.16
N ALA A 890 10.93 36.98 19.29
CA ALA A 890 9.99 37.10 20.41
C ALA A 890 10.66 36.82 21.77
N LEU A 891 11.76 36.06 21.75
CA LEU A 891 12.50 35.70 22.96
C LEU A 891 13.94 36.24 22.98
N TYR A 892 14.29 37.10 22.02
CA TYR A 892 15.69 37.53 21.87
C TYR A 892 15.86 39.04 21.64
N GLU A 893 15.16 39.58 20.64
CA GLU A 893 15.14 41.01 20.33
C GLU A 893 16.47 41.52 19.76
N SER A 894 16.61 41.43 18.44
CA SER A 894 17.81 41.90 17.72
C SER A 894 17.63 41.74 16.20
N TRP A 895 18.68 42.08 15.44
CA TRP A 895 18.82 41.66 14.05
C TRP A 895 20.22 41.06 13.84
N SER A 896 20.53 40.06 14.66
CA SER A 896 21.83 39.38 14.63
C SER A 896 21.77 37.97 15.23
N ILE A 897 21.08 37.84 16.36
CA ILE A 897 20.83 36.54 17.01
C ILE A 897 20.16 35.52 16.08
N PRO A 898 19.15 35.91 15.31
CA PRO A 898 18.47 34.95 14.42
C PRO A 898 19.39 34.41 13.33
N PHE A 899 20.27 35.27 12.80
CA PHE A 899 21.18 34.88 11.72
C PHE A 899 22.25 33.89 12.18
N SER A 900 22.64 33.94 13.45
CA SER A 900 23.61 32.99 14.00
C SER A 900 23.07 31.57 13.98
N VAL A 901 21.79 31.42 14.32
CA VAL A 901 21.11 30.13 14.28
C VAL A 901 20.75 29.74 12.84
N MET A 902 20.63 30.74 11.96
CA MET A 902 20.19 30.53 10.58
C MET A 902 21.33 30.17 9.60
N LEU A 903 22.54 29.99 10.11
CA LEU A 903 23.61 29.34 9.33
C LEU A 903 24.38 28.29 10.15
N VAL A 904 23.66 27.66 11.08
CA VAL A 904 24.06 26.37 11.63
C VAL A 904 23.30 25.28 10.86
N VAL A 905 22.44 25.71 9.94
CA VAL A 905 21.68 24.82 9.07
C VAL A 905 22.60 24.00 8.16
N PRO A 906 23.52 24.63 7.44
CA PRO A 906 24.42 23.92 6.53
C PRO A 906 25.53 23.13 7.25
N LEU A 907 25.70 23.33 8.55
CA LEU A 907 26.68 22.56 9.33
C LEU A 907 26.24 21.12 9.49
N GLY A 908 25.00 20.93 9.95
CA GLY A 908 24.43 19.61 10.13
C GLY A 908 24.01 18.93 8.84
N VAL A 909 23.79 19.72 7.79
CA VAL A 909 23.29 19.19 6.51
C VAL A 909 24.43 18.59 5.66
N ILE A 910 25.62 19.18 5.71
CA ILE A 910 26.77 18.65 4.97
C ILE A 910 27.15 17.25 5.48
N GLY A 911 27.02 17.03 6.79
CA GLY A 911 27.31 15.74 7.39
C GLY A 911 26.25 14.69 7.11
N ALA A 912 25.00 15.11 7.02
CA ALA A 912 23.88 14.22 6.72
C ALA A 912 23.95 13.72 5.28
N LEU A 913 24.25 14.63 4.36
CA LEU A 913 24.42 14.30 2.94
C LEU A 913 25.68 13.48 2.68
N LEU A 914 26.63 13.52 3.61
CA LEU A 914 27.87 12.77 3.49
C LEU A 914 27.65 11.28 3.73
N ALA A 915 26.86 10.95 4.75
CA ALA A 915 26.60 9.56 5.12
C ALA A 915 25.63 8.86 4.16
N ALA A 916 24.72 9.63 3.57
CA ALA A 916 23.72 9.08 2.65
C ALA A 916 24.30 8.84 1.25
N THR A 917 25.11 9.78 0.78
CA THR A 917 25.72 9.71 -0.55
C THR A 917 26.88 8.71 -0.60
N PHE A 918 27.55 8.52 0.53
CA PHE A 918 28.70 7.62 0.62
C PHE A 918 28.25 6.16 0.59
N ARG A 919 27.30 5.83 1.47
CA ARG A 919 26.69 4.51 1.48
C ARG A 919 25.65 4.42 0.36
N GLY A 920 24.98 3.28 0.23
CA GLY A 920 24.00 3.06 -0.83
C GLY A 920 22.59 3.48 -0.50
N LEU A 921 22.44 4.61 0.22
CA LEU A 921 21.13 5.17 0.53
C LEU A 921 20.84 6.36 -0.38
N THR A 922 19.63 6.93 -0.24
CA THR A 922 19.18 8.03 -1.10
C THR A 922 18.28 9.02 -0.35
N ASN A 923 18.09 10.20 -0.94
CA ASN A 923 17.18 11.20 -0.40
C ASN A 923 15.72 10.79 -0.59
N ASP A 924 15.20 10.03 0.37
CA ASP A 924 13.82 9.56 0.33
C ASP A 924 13.02 10.25 1.44
N VAL A 925 12.10 9.54 2.09
CA VAL A 925 11.27 10.15 3.14
C VAL A 925 12.02 10.17 4.47
N TYR A 926 12.60 9.03 4.83
CA TYR A 926 13.29 8.88 6.11
C TYR A 926 14.53 9.78 6.24
N PHE A 927 15.20 10.06 5.13
CA PHE A 927 16.35 10.95 5.12
C PHE A 927 15.92 12.42 5.12
N GLN A 928 14.83 12.73 4.43
CA GLN A 928 14.34 14.10 4.31
C GLN A 928 13.95 14.71 5.66
N VAL A 929 13.36 13.88 6.52
CA VAL A 929 12.92 14.32 7.85
C VAL A 929 14.06 14.20 8.87
N GLY A 930 15.07 13.40 8.54
CA GLY A 930 16.31 13.36 9.30
C GLY A 930 17.07 14.69 9.23
N LEU A 931 16.84 15.45 8.16
CA LEU A 931 17.43 16.77 8.00
C LEU A 931 16.81 17.78 8.98
N LEU A 932 15.49 17.75 9.11
CA LEU A 932 14.77 18.71 9.96
C LEU A 932 14.99 18.46 11.46
N THR A 933 15.29 17.21 11.82
CA THR A 933 15.70 16.88 13.18
C THR A 933 17.06 17.50 13.47
N THR A 934 17.92 17.53 12.45
CA THR A 934 19.25 18.15 12.55
C THR A 934 19.16 19.69 12.66
N ILE A 935 18.13 20.30 12.08
CA ILE A 935 17.92 21.74 12.21
C ILE A 935 17.38 22.07 13.60
N GLY A 936 16.69 21.11 14.22
CA GLY A 936 16.21 21.26 15.58
C GLY A 936 17.27 21.01 16.64
N LEU A 937 18.34 20.29 16.25
CA LEU A 937 19.45 19.99 17.15
C LEU A 937 20.65 20.94 16.91
N SER A 938 20.64 21.63 15.77
CA SER A 938 21.66 22.63 15.45
C SER A 938 21.19 23.98 15.97
N ALA A 939 19.88 24.19 15.97
CA ALA A 939 19.28 25.38 16.58
C ALA A 939 19.32 25.24 18.10
N LYS A 940 19.05 24.03 18.60
CA LYS A 940 19.07 23.76 20.04
C LYS A 940 20.44 24.07 20.65
N ASN A 941 21.47 23.44 20.10
CA ASN A 941 22.84 23.61 20.59
C ASN A 941 23.34 25.05 20.44
N ALA A 942 22.97 25.69 19.34
CA ALA A 942 23.39 27.06 19.04
C ALA A 942 22.63 28.09 19.88
N ILE A 943 21.42 27.73 20.33
CA ILE A 943 20.62 28.59 21.18
C ILE A 943 21.16 28.56 22.61
N LEU A 944 21.83 27.46 22.99
CA LEU A 944 22.53 27.41 24.27
C LEU A 944 23.78 28.30 24.20
N ILE A 945 24.38 28.37 23.02
CA ILE A 945 25.56 29.20 22.79
C ILE A 945 25.20 30.69 22.79
N VAL A 946 23.96 30.99 22.41
CA VAL A 946 23.49 32.37 22.28
C VAL A 946 22.76 32.86 23.54
N GLU A 947 22.11 31.95 24.27
CA GLU A 947 21.28 32.32 25.41
C GLU A 947 22.14 32.64 26.64
N PHE A 948 23.05 31.73 26.97
CA PHE A 948 23.94 31.94 28.11
C PHE A 948 24.95 33.06 27.86
N ALA A 949 25.36 33.24 26.60
CA ALA A 949 26.33 34.26 26.22
C ALA A 949 25.73 35.68 26.20
N LYS A 950 24.41 35.77 26.06
CA LYS A 950 23.71 37.06 26.07
C LYS A 950 23.05 37.34 27.43
N ASP A 951 22.98 36.32 28.28
CA ASP A 951 22.62 36.50 29.69
C ASP A 951 23.86 37.00 30.45
N LEU A 952 25.04 36.78 29.86
CA LEU A 952 26.29 37.33 30.39
C LEU A 952 26.53 38.73 29.84
N MET A 953 26.25 38.92 28.54
CA MET A 953 26.56 40.17 27.84
C MET A 953 25.84 41.38 28.44
N ASP A 954 24.53 41.26 28.62
CA ASP A 954 23.71 42.37 29.10
C ASP A 954 23.62 42.42 30.62
N LYS A 955 23.14 41.32 31.22
CA LYS A 955 22.89 41.29 32.67
C LYS A 955 24.17 41.47 33.48
N GLU A 956 25.19 40.67 33.15
CA GLU A 956 26.48 40.74 33.84
C GLU A 956 27.40 41.78 33.17
N GLY A 957 28.50 41.35 32.55
CA GLY A 957 29.43 42.25 31.89
C GLY A 957 29.46 42.04 30.39
N LYS A 958 29.91 43.06 29.66
CA LYS A 958 29.93 43.03 28.19
C LYS A 958 30.69 41.82 27.65
N GLY A 959 32.02 41.84 27.77
CA GLY A 959 32.86 40.81 27.19
C GLY A 959 32.76 40.81 25.67
N LEU A 960 33.52 41.68 25.03
CA LEU A 960 33.46 41.85 23.57
C LEU A 960 33.64 40.49 22.86
N ILE A 961 34.72 39.79 23.21
CA ILE A 961 34.90 38.39 22.80
C ILE A 961 35.20 37.49 23.99
N GLU A 962 35.07 38.01 25.21
CA GLU A 962 35.29 37.26 26.44
C GLU A 962 33.97 36.90 27.14
N ALA A 963 32.85 37.08 26.42
CA ALA A 963 31.54 36.61 26.88
C ALA A 963 31.11 35.39 26.07
N THR A 964 31.40 35.41 24.77
CA THR A 964 31.19 34.24 23.91
C THR A 964 32.18 33.13 24.27
N LEU A 965 33.40 33.52 24.64
CA LEU A 965 34.42 32.58 25.11
C LEU A 965 34.07 32.02 26.48
N ASP A 966 33.65 32.90 27.38
CA ASP A 966 33.29 32.52 28.75
C ASP A 966 31.99 31.69 28.81
N ALA A 967 31.20 31.73 27.75
CA ALA A 967 29.91 31.04 27.70
C ALA A 967 30.11 29.53 27.58
N VAL A 968 30.89 29.10 26.57
CA VAL A 968 31.20 27.67 26.39
C VAL A 968 32.25 27.18 27.40
N ARG A 969 32.92 28.11 28.06
CA ARG A 969 33.81 27.78 29.18
C ARG A 969 33.04 27.09 30.30
N MET A 970 31.73 27.35 30.36
CA MET A 970 30.83 26.67 31.31
C MET A 970 29.58 26.11 30.61
N ARG A 971 29.79 25.35 29.54
CA ARG A 971 28.76 24.46 28.95
C ARG A 971 29.21 23.66 27.71
N LEU A 972 30.48 23.29 27.65
CA LEU A 972 30.95 22.32 26.66
C LEU A 972 30.43 20.93 27.02
N ARG A 973 30.23 20.71 28.32
CA ARG A 973 29.72 19.44 28.85
C ARG A 973 28.36 19.03 28.26
N PRO A 974 27.30 19.84 28.42
CA PRO A 974 25.97 19.49 27.91
C PRO A 974 25.85 19.39 26.39
N ILE A 975 26.73 20.04 25.64
CA ILE A 975 26.71 19.96 24.18
C ILE A 975 27.21 18.59 23.70
N LEU A 976 28.21 18.05 24.40
CA LEU A 976 28.80 16.74 24.06
C LEU A 976 28.23 15.59 24.91
N MET A 977 27.32 15.92 25.84
CA MET A 977 26.68 14.92 26.69
C MET A 977 25.36 14.50 26.06
N THR A 978 24.63 15.49 25.53
CA THR A 978 23.40 15.26 24.77
C THR A 978 23.71 14.62 23.42
N SER A 979 24.72 15.16 22.73
CA SER A 979 25.05 14.73 21.37
C SER A 979 25.68 13.34 21.30
N LEU A 980 26.47 12.98 22.31
CA LEU A 980 27.05 11.64 22.39
C LEU A 980 26.01 10.61 22.80
N ALA A 981 25.05 11.03 23.62
CA ALA A 981 23.93 10.18 24.02
C ALA A 981 22.90 10.05 22.90
N PHE A 982 22.92 10.98 21.95
CA PHE A 982 22.03 10.96 20.80
C PHE A 982 22.56 9.96 19.77
N ILE A 983 23.87 10.02 19.52
CA ILE A 983 24.53 9.16 18.54
C ILE A 983 24.37 7.68 18.92
N LEU A 984 24.50 7.39 20.21
CA LEU A 984 24.41 6.02 20.73
C LEU A 984 22.98 5.48 20.72
N GLY A 985 22.00 6.38 20.84
CA GLY A 985 20.59 6.00 20.74
C GLY A 985 20.17 5.70 19.31
N VAL A 986 20.87 6.30 18.35
CA VAL A 986 20.61 6.09 16.93
C VAL A 986 21.45 4.92 16.39
N MET A 987 22.39 4.43 17.22
CA MET A 987 23.30 3.35 16.83
C MET A 987 22.61 2.05 16.36
N PRO A 988 21.62 1.55 17.11
CA PRO A 988 20.94 0.30 16.72
C PRO A 988 20.12 0.36 15.43
N LEU A 989 19.89 1.55 14.88
CA LEU A 989 19.14 1.71 13.63
C LEU A 989 20.07 1.73 12.41
N VAL A 990 21.26 2.31 12.56
CA VAL A 990 22.19 2.49 11.44
C VAL A 990 22.58 1.12 10.87
N ILE A 991 23.10 0.25 11.73
CA ILE A 991 23.30 -1.16 11.40
C ILE A 991 22.72 -2.01 12.54
N SER A 992 23.42 -3.04 13.00
CA SER A 992 22.92 -3.98 14.01
C SER A 992 21.69 -4.74 13.50
N THR A 993 20.51 -4.11 13.53
CA THR A 993 19.32 -4.65 12.87
C THR A 993 19.41 -4.36 11.37
N GLY A 994 19.13 -5.37 10.55
CA GLY A 994 19.21 -5.22 9.10
C GLY A 994 18.50 -6.34 8.35
N ALA A 995 17.23 -6.54 8.68
CA ALA A 995 16.41 -7.56 8.03
C ALA A 995 14.92 -7.35 8.31
N GLY A 996 14.56 -7.31 9.59
CA GLY A 996 13.18 -7.09 10.01
C GLY A 996 12.65 -5.73 9.58
N SER A 997 13.46 -4.70 9.75
CA SER A 997 13.12 -3.35 9.32
C SER A 997 14.31 -2.68 8.62
N GLY A 998 14.29 -2.68 7.30
CA GLY A 998 15.30 -2.01 6.50
C GLY A 998 15.15 -0.50 6.49
N ALA A 999 14.00 -0.01 6.93
CA ALA A 999 13.74 1.43 7.04
C ALA A 999 14.56 2.07 8.16
N GLN A 1000 14.96 1.28 9.16
CA GLN A 1000 15.81 1.77 10.25
C GLN A 1000 17.16 2.30 9.74
N ASN A 1001 17.66 1.71 8.67
CA ASN A 1001 18.93 2.14 8.06
C ASN A 1001 18.79 3.52 7.39
N ALA A 1002 17.63 3.77 6.79
CA ALA A 1002 17.36 5.04 6.11
C ALA A 1002 17.26 6.23 7.07
N VAL A 1003 16.74 5.99 8.28
CA VAL A 1003 16.56 7.04 9.27
C VAL A 1003 17.90 7.39 9.93
N GLY A 1004 18.47 6.43 10.65
CA GLY A 1004 19.63 6.65 11.49
C GLY A 1004 20.94 6.97 10.78
N THR A 1005 21.01 6.73 9.48
CA THR A 1005 22.21 7.04 8.70
C THR A 1005 22.37 8.55 8.48
N GLY A 1006 21.25 9.23 8.24
CA GLY A 1006 21.25 10.66 7.99
C GLY A 1006 21.23 11.54 9.24
N VAL A 1007 21.24 10.94 10.42
CA VAL A 1007 21.29 11.68 11.68
C VAL A 1007 22.66 11.49 12.37
N MET A 1008 23.18 10.27 12.32
CA MET A 1008 24.55 9.97 12.75
C MET A 1008 25.55 10.83 11.97
N GLY A 1009 25.26 11.05 10.69
CA GLY A 1009 26.06 11.94 9.86
C GLY A 1009 25.83 13.40 10.23
N GLY A 1010 24.57 13.75 10.48
CA GLY A 1010 24.20 15.11 10.86
C GLY A 1010 24.26 15.40 12.35
N MET A 1011 25.05 14.62 13.10
CA MET A 1011 25.35 14.91 14.50
C MET A 1011 26.86 14.90 14.78
N VAL A 1012 27.60 14.10 14.02
CA VAL A 1012 29.06 14.19 13.98
C VAL A 1012 29.49 15.57 13.46
N THR A 1013 28.78 16.06 12.45
CA THR A 1013 29.09 17.34 11.82
C THR A 1013 28.21 18.48 12.35
N ALA A 1014 27.41 18.21 13.39
CA ALA A 1014 26.58 19.22 14.05
C ALA A 1014 27.11 19.58 15.44
N THR A 1015 28.11 18.85 15.93
CA THR A 1015 28.79 19.18 17.19
C THR A 1015 30.28 19.38 16.98
N VAL A 1016 30.94 18.42 16.33
CA VAL A 1016 32.36 18.56 15.98
C VAL A 1016 32.50 19.42 14.73
N LEU A 1017 32.24 20.72 14.91
CA LEU A 1017 32.17 21.73 13.84
C LEU A 1017 31.45 22.97 14.36
N ALA A 1018 30.26 22.75 14.94
CA ALA A 1018 29.46 23.84 15.52
C ALA A 1018 30.13 24.38 16.79
N ILE A 1019 30.52 23.47 17.67
CA ILE A 1019 31.23 23.83 18.90
C ILE A 1019 32.71 24.23 18.65
N PHE A 1020 33.09 24.36 17.38
CA PHE A 1020 34.49 24.51 16.99
C PHE A 1020 34.64 25.33 15.69
N PHE A 1021 35.80 25.19 15.04
CA PHE A 1021 36.10 25.78 13.73
C PHE A 1021 35.03 26.69 13.11
N VAL A 1022 33.93 26.10 12.63
CA VAL A 1022 32.95 26.79 11.82
C VAL A 1022 31.77 27.27 12.70
N PRO A 1023 31.14 28.39 12.33
CA PRO A 1023 30.33 29.23 13.22
C PRO A 1023 29.86 28.74 14.61
N VAL A 1024 28.65 29.15 15.01
CA VAL A 1024 28.18 29.06 16.40
C VAL A 1024 29.20 29.63 17.41
N PHE A 1025 29.86 30.71 16.99
CA PHE A 1025 30.89 31.41 17.77
C PHE A 1025 31.36 32.59 16.93
N PHE A 1026 31.80 32.26 15.71
CA PHE A 1026 32.16 33.25 14.71
C PHE A 1026 30.98 34.11 14.31
N VAL A 1027 29.81 33.48 14.17
CA VAL A 1027 28.58 34.19 13.84
C VAL A 1027 28.31 35.33 14.82
N VAL A 1028 28.19 35.02 16.11
CA VAL A 1028 27.79 36.00 17.11
C VAL A 1028 28.72 37.22 17.14
N VAL A 1029 29.98 37.01 16.72
CA VAL A 1029 30.96 38.09 16.64
C VAL A 1029 30.64 39.10 15.52
N ARG A 1030 30.53 38.60 14.28
CA ARG A 1030 30.37 39.49 13.12
C ARG A 1030 28.92 39.92 12.82
N ARG A 1031 27.94 39.38 13.57
CA ARG A 1031 26.53 39.73 13.38
C ARG A 1031 26.11 40.78 14.40
N ARG A 1032 26.37 40.51 15.67
CA ARG A 1032 26.07 41.47 16.76
C ARG A 1032 27.10 42.61 16.72
N PHE A 1033 28.37 42.25 16.89
CA PHE A 1033 29.45 43.23 16.94
C PHE A 1033 29.90 43.56 15.51
N SER A 1034 30.97 44.36 15.39
CA SER A 1034 31.57 44.74 14.10
C SER A 1034 30.91 45.94 13.42
N ARG A 1035 29.66 46.25 13.78
CA ARG A 1035 28.97 47.44 13.28
C ARG A 1035 27.96 48.00 14.31
N LYS A 1036 26.78 47.40 14.39
CA LYS A 1036 25.74 47.82 15.33
C LYS A 1036 25.03 46.62 15.95
O1 NFN B . -6.03 19.43 9.26
C4 NFN B . -5.13 16.20 10.84
C3 NFN B . -5.22 17.57 10.59
C10 NFN B . -5.76 15.25 10.04
C2 NFN B . -5.96 18.07 9.51
C9 NFN B . -6.58 15.69 8.83
C1 NFN B . -6.66 17.15 8.58
C5 NFN B . -5.64 13.88 10.31
C6 NFN B . -6.35 13.16 9.38
C7 NFN B . -7.12 13.36 8.26
C8 NFN B . -7.24 14.74 7.99
O3 NFN B . -10.12 17.31 4.49
C14 NFN B . -9.16 16.61 4.75
N2 NFN B . -8.75 15.40 4.33
C16 NFN B . -9.08 14.18 3.63
C21 NFN B . -9.50 14.55 2.23
O4 NFN B . -8.71 15.16 1.49
O5 NFN B . -10.66 14.24 1.86
C15 NFN B . -7.81 13.26 3.80
C19 NFN B . -8.20 12.03 4.63
C20 NFN B . -7.10 12.82 2.52
S1 NFN B . -6.54 14.05 4.79
C13 NFN B . -7.41 15.54 4.69
C12 NFN B . -7.74 16.93 5.23
N1 NFN B . -6.97 17.70 6.18
C11 NFN B . -7.44 17.76 7.42
O2 NFN B . -8.50 18.31 7.67
C17 NFN B . -5.57 20.42 10.17
C18 NFN B . -5.84 21.80 9.60
O1 NFN C . 6.27 -6.09 -16.53
C4 NFN C . 8.41 -3.29 -17.64
C3 NFN C . 7.55 -4.10 -16.90
C10 NFN C . 8.89 -3.68 -18.88
C2 NFN C . 7.11 -5.35 -17.34
C9 NFN C . 8.49 -5.02 -19.48
C1 NFN C . 7.57 -5.89 -18.67
C5 NFN C . 9.76 -2.84 -19.59
C6 NFN C . 10.09 -3.44 -20.77
C7 NFN C . 9.87 -4.60 -21.48
C8 NFN C . 8.99 -5.44 -20.77
O3 NFN C . 3.15 -8.45 -21.69
C14 NFN C . 3.50 -8.04 -20.59
N2 NFN C . 2.79 -7.81 -19.52
C16 NFN C . 1.48 -7.62 -18.93
C21 NFN C . 0.57 -8.79 -19.11
O4 NFN C . 1.02 -9.95 -18.91
O5 NFN C . -0.61 -8.58 -19.44
C15 NFN C . 1.82 -7.25 -17.44
C19 NFN C . 1.26 -5.86 -17.09
C20 NFN C . 1.33 -8.27 -16.40
S1 NFN C . 3.59 -7.16 -17.24
C13 NFN C . 3.92 -7.92 -18.76
C12 NFN C . 4.93 -8.08 -19.96
N1 NFN C . 5.89 -7.68 -18.93
C11 NFN C . 7.12 -7.24 -19.19
O2 NFN C . 7.90 -7.91 -19.84
C17 NFN C . 6.06 -5.74 -15.15
C18 NFN C . 5.22 -6.76 -14.40
#